data_6BFD
#
_entry.id   6BFD
#
_cell.length_a   86.460
_cell.length_b   89.410
_cell.length_c   131.410
_cell.angle_alpha   90.00
_cell.angle_beta   90.00
_cell.angle_gamma   90.00
#
_symmetry.space_group_name_H-M   'P 21 21 21'
#
loop_
_entity.id
_entity.type
_entity.pdbx_description
1 polymer 'Beta-secretase 1'
2 non-polymer 2-{[(2S)-butan-2-yl]amino}-N-{(1R,2S)-1-hydroxy-3-phenyl-1-[(2R)-pyrrolidin-2-yl]propan-2-yl}-6-(methylsulfonyl)pyridine-4-carboxamide
3 non-polymer GLYCEROL
4 water water
#
_entity_poly.entity_id   1
_entity_poly.type   'polypeptide(L)'
_entity_poly.pdbx_seq_one_letter_code
;MAGVLPAHGTQHGIRLPLRSGLGGAPLGLRLPRETDEEPEEPGRRGSFVEMVDNLRGKSGQGYYVEMTVGSPPQTLNILV
DTGSSNFAVGAAPHPFLHRYYQRQLSSTYRDLRKGVYVPYTQGKWEGELGTDLVSIPHGPNVTVRANIAAITESDKFFIN
GSNWEGILGLAYAEIARPDDSLEPFFDSLVKQTHVPNLFSLQLCGAGFPLNQSEVLASVGGSMIIGGIDHSLYTGSLWYT
PIRREWYYEVIIVRVEINGQDLKMDCKEYNYDKSIVDSGTTNLRLPKKVFEAAVKSIKAASSTEKFPDGFWLGEQLVCWQ
AGTTPWNIFPVISLYLMGEVTNQSFRITILPQQYLRPVEDVATSQDDCYKFAISQSSTGTVMGAVIMEGFYVVFDRARKR
IGFAVSACHVHDEFRTAAVEGPFVTLDMEDCGYNIPQTDEST
;
_entity_poly.pdbx_strand_id   A,B
#
loop_
_chem_comp.id
_chem_comp.type
_chem_comp.name
_chem_comp.formula
DJS non-polymer 2-{[(2S)-butan-2-yl]amino}-N-{(1R,2S)-1-hydroxy-3-phenyl-1-[(2R)-pyrrolidin-2-yl]propan-2-yl}-6-(methylsulfonyl)pyridine-4-carboxamide 'C24 H34 N4 O4 S'
GOL non-polymer GLYCEROL 'C3 H8 O3'
#
# COMPACT_ATOMS: atom_id res chain seq x y z
N PRO A 42 6.33 16.43 -29.00
CA PRO A 42 5.94 15.02 -29.10
C PRO A 42 5.88 14.32 -27.75
N GLY A 43 4.99 13.33 -27.64
CA GLY A 43 4.83 12.53 -26.43
C GLY A 43 6.01 11.61 -26.20
N ARG A 44 6.57 11.62 -24.99
CA ARG A 44 7.74 10.81 -24.64
C ARG A 44 7.38 9.33 -24.44
N ARG A 45 8.03 8.41 -25.19
CA ARG A 45 7.76 6.97 -25.03
C ARG A 45 8.81 6.33 -24.13
N GLY A 46 8.41 5.34 -23.32
CA GLY A 46 9.32 4.58 -22.48
C GLY A 46 9.67 3.26 -23.15
N SER A 47 10.91 3.13 -23.64
CA SER A 47 11.32 1.93 -24.35
C SER A 47 12.11 0.95 -23.51
N PHE A 48 12.17 1.11 -22.14
CA PHE A 48 12.93 0.11 -21.37
C PHE A 48 12.05 -0.46 -20.27
N VAL A 49 10.83 -0.90 -20.63
CA VAL A 49 9.85 -1.37 -19.68
C VAL A 49 10.38 -2.46 -18.76
N GLU A 50 11.25 -3.38 -19.27
CA GLU A 50 11.80 -4.47 -18.48
CA GLU A 50 11.79 -4.46 -18.44
C GLU A 50 12.59 -3.95 -17.23
N MET A 51 13.21 -2.77 -17.36
CA MET A 51 14.04 -2.21 -16.29
C MET A 51 13.41 -1.11 -15.46
N VAL A 52 12.29 -0.55 -15.95
CA VAL A 52 11.61 0.48 -15.18
C VAL A 52 11.10 -0.15 -13.88
N ASP A 53 11.26 0.59 -12.79
CA ASP A 53 10.77 0.20 -11.48
C ASP A 53 11.54 -1.00 -10.88
N ASN A 54 12.84 -1.14 -11.26
CA ASN A 54 13.61 -2.29 -10.75
C ASN A 54 14.36 -2.01 -9.45
N LEU A 55 14.25 -0.76 -8.90
CA LEU A 55 14.94 -0.46 -7.64
C LEU A 55 13.96 -0.42 -6.49
N ARG A 56 14.49 -0.62 -5.29
CA ARG A 56 13.73 -0.45 -4.06
CA ARG A 56 13.74 -0.47 -4.05
C ARG A 56 14.68 0.24 -3.07
N GLY A 57 14.12 0.79 -2.01
CA GLY A 57 14.92 1.44 -1.00
C GLY A 57 14.56 2.89 -0.77
N LYS A 58 15.49 3.59 -0.11
CA LYS A 58 15.27 5.01 0.23
C LYS A 58 16.62 5.67 0.47
N SER A 59 16.62 7.01 0.53
CA SER A 59 17.91 7.72 0.61
C SER A 59 18.75 7.41 1.85
N GLY A 60 18.07 7.20 3.01
CA GLY A 60 18.79 6.99 4.27
C GLY A 60 19.50 5.64 4.37
N GLN A 61 19.02 4.62 3.65
CA GLN A 61 19.57 3.26 3.76
C GLN A 61 20.08 2.66 2.45
N GLY A 62 19.74 3.30 1.33
CA GLY A 62 20.25 2.89 0.04
C GLY A 62 19.20 2.35 -0.90
N TYR A 63 19.48 2.53 -2.21
CA TYR A 63 18.60 2.01 -3.26
C TYR A 63 19.29 0.78 -3.82
N TYR A 64 18.53 -0.31 -3.99
CA TYR A 64 19.14 -1.57 -4.40
C TYR A 64 18.38 -2.22 -5.54
N VAL A 65 19.13 -3.09 -6.26
CA VAL A 65 18.60 -3.84 -7.38
C VAL A 65 18.78 -5.33 -7.10
N GLU A 66 17.89 -6.15 -7.64
CA GLU A 66 18.04 -7.60 -7.42
C GLU A 66 19.07 -8.12 -8.42
N MET A 67 20.00 -8.98 -7.96
CA MET A 67 20.96 -9.60 -8.88
C MET A 67 21.04 -11.08 -8.56
N THR A 68 21.63 -11.87 -9.46
CA THR A 68 21.89 -13.26 -9.10
C THR A 68 23.36 -13.50 -9.33
N VAL A 69 23.92 -14.36 -8.49
CA VAL A 69 25.33 -14.73 -8.63
CA VAL A 69 25.34 -14.71 -8.58
C VAL A 69 25.47 -16.25 -8.53
N GLY A 70 26.36 -16.80 -9.33
CA GLY A 70 26.63 -18.22 -9.24
C GLY A 70 25.75 -19.15 -10.02
N SER A 71 26.09 -20.45 -9.96
CA SER A 71 25.36 -21.49 -10.69
C SER A 71 25.11 -22.66 -9.74
N PRO A 72 23.86 -22.94 -9.32
CA PRO A 72 22.61 -22.28 -9.73
C PRO A 72 22.56 -20.86 -9.20
N PRO A 73 21.72 -19.98 -9.77
CA PRO A 73 21.73 -18.57 -9.31
C PRO A 73 21.31 -18.40 -7.87
N GLN A 74 22.08 -17.54 -7.14
CA GLN A 74 21.78 -17.17 -5.77
C GLN A 74 21.29 -15.73 -5.85
N THR A 75 20.04 -15.47 -5.41
CA THR A 75 19.49 -14.13 -5.49
C THR A 75 19.97 -13.28 -4.31
N LEU A 76 20.40 -12.03 -4.61
CA LEU A 76 20.85 -11.11 -3.56
C LEU A 76 20.42 -9.70 -3.97
N ASN A 77 20.12 -8.86 -2.98
CA ASN A 77 19.75 -7.46 -3.25
C ASN A 77 21.02 -6.66 -3.10
N ILE A 78 21.30 -5.82 -4.10
CA ILE A 78 22.57 -5.12 -4.16
C ILE A 78 22.40 -3.62 -4.25
N LEU A 79 23.02 -2.90 -3.31
CA LEU A 79 22.99 -1.43 -3.28
C LEU A 79 23.68 -0.86 -4.52
N VAL A 80 23.03 0.11 -5.19
CA VAL A 80 23.62 0.73 -6.39
C VAL A 80 24.46 1.94 -5.96
N ASP A 81 25.80 1.89 -6.20
CA ASP A 81 26.69 2.94 -5.73
C ASP A 81 27.55 3.53 -6.84
N THR A 82 27.17 4.73 -7.31
CA THR A 82 28.02 5.34 -8.32
C THR A 82 29.28 5.99 -7.72
N GLY A 83 29.46 5.88 -6.39
CA GLY A 83 30.62 6.47 -5.70
C GLY A 83 31.70 5.48 -5.31
N SER A 84 31.67 4.27 -5.88
CA SER A 84 32.75 3.29 -5.61
C SER A 84 32.80 2.35 -6.80
N SER A 85 33.80 1.45 -6.81
CA SER A 85 34.05 0.64 -8.02
C SER A 85 34.22 -0.84 -7.78
N ASN A 86 33.89 -1.31 -6.58
CA ASN A 86 33.97 -2.74 -6.25
C ASN A 86 32.55 -3.32 -6.12
N PHE A 87 32.38 -4.48 -6.70
CA PHE A 87 31.16 -5.29 -6.53
C PHE A 87 31.49 -6.27 -5.41
N ALA A 88 30.70 -6.21 -4.34
CA ALA A 88 30.98 -7.04 -3.17
C ALA A 88 29.70 -7.49 -2.54
N VAL A 89 29.71 -8.71 -2.01
CA VAL A 89 28.50 -9.27 -1.40
C VAL A 89 28.81 -9.93 -0.05
N GLY A 90 27.87 -9.88 0.89
CA GLY A 90 28.02 -10.63 2.14
C GLY A 90 28.24 -12.09 1.76
N ALA A 91 29.27 -12.75 2.39
CA ALA A 91 29.59 -14.13 2.02
C ALA A 91 29.77 -15.00 3.26
N ALA A 92 29.29 -14.50 4.40
CA ALA A 92 29.36 -15.20 5.69
C ALA A 92 28.24 -14.65 6.58
N PRO A 93 27.72 -15.45 7.55
CA PRO A 93 26.66 -14.96 8.44
C PRO A 93 26.99 -13.62 9.09
N HIS A 94 25.98 -12.76 9.23
CA HIS A 94 26.11 -11.45 9.88
C HIS A 94 24.76 -11.19 10.52
N PRO A 95 24.70 -10.57 11.73
CA PRO A 95 23.39 -10.34 12.36
C PRO A 95 22.40 -9.58 11.50
N PHE A 96 22.88 -8.76 10.54
CA PHE A 96 21.98 -7.96 9.70
C PHE A 96 21.70 -8.57 8.32
N LEU A 97 22.25 -9.76 8.02
CA LEU A 97 22.01 -10.39 6.72
C LEU A 97 21.06 -11.58 6.84
N HIS A 98 20.01 -11.63 6.03
CA HIS A 98 19.08 -12.77 6.01
C HIS A 98 19.60 -13.80 5.00
N ARG A 99 20.51 -13.40 4.09
CA ARG A 99 21.10 -14.33 3.15
C ARG A 99 22.46 -13.84 2.74
N TYR A 100 23.26 -14.72 2.15
CA TYR A 100 24.60 -14.33 1.74
C TYR A 100 25.09 -15.28 0.65
N TYR A 101 26.12 -14.85 -0.08
CA TYR A 101 26.67 -15.65 -1.15
C TYR A 101 27.45 -16.84 -0.58
N GLN A 102 27.11 -18.05 -1.08
CA GLN A 102 27.71 -19.33 -0.65
C GLN A 102 28.55 -19.89 -1.80
N ARG A 103 29.85 -19.54 -1.81
CA ARG A 103 30.75 -19.87 -2.92
C ARG A 103 30.84 -21.37 -3.16
N GLN A 104 30.82 -22.15 -2.07
CA GLN A 104 30.91 -23.61 -2.19
CA GLN A 104 30.90 -23.62 -2.16
C GLN A 104 29.71 -24.23 -2.93
N LEU A 105 28.60 -23.47 -3.09
CA LEU A 105 27.41 -23.96 -3.79
C LEU A 105 27.34 -23.53 -5.25
N SER A 106 28.36 -22.78 -5.73
CA SER A 106 28.37 -22.31 -7.11
C SER A 106 29.40 -23.10 -7.88
N SER A 107 28.96 -23.76 -8.95
CA SER A 107 29.86 -24.55 -9.77
C SER A 107 30.76 -23.68 -10.67
N THR A 108 30.39 -22.39 -10.84
CA THR A 108 31.12 -21.45 -11.70
C THR A 108 32.03 -20.51 -10.92
N TYR A 109 32.06 -20.66 -9.61
CA TYR A 109 32.93 -19.87 -8.75
C TYR A 109 34.41 -20.11 -9.12
N ARG A 110 35.17 -19.01 -9.19
CA ARG A 110 36.63 -19.07 -9.40
C ARG A 110 37.30 -18.27 -8.30
N ASP A 111 38.27 -18.89 -7.61
CA ASP A 111 38.98 -18.21 -6.53
C ASP A 111 40.17 -17.43 -7.10
N LEU A 112 40.27 -16.11 -6.76
CA LEU A 112 41.38 -15.31 -7.22
C LEU A 112 42.54 -15.36 -6.21
N ARG A 113 42.34 -16.03 -5.05
CA ARG A 113 43.33 -16.19 -3.98
CA ARG A 113 43.35 -16.20 -4.00
C ARG A 113 43.98 -14.85 -3.59
N LYS A 114 43.16 -13.86 -3.34
CA LYS A 114 43.66 -12.54 -2.95
C LYS A 114 42.63 -11.86 -2.07
N GLY A 115 43.09 -11.22 -1.02
CA GLY A 115 42.23 -10.44 -0.14
C GLY A 115 42.02 -9.03 -0.66
N VAL A 116 40.98 -8.38 -0.11
CA VAL A 116 40.67 -7.01 -0.50
C VAL A 116 40.07 -6.33 0.72
N TYR A 117 40.39 -5.03 0.87
CA TYR A 117 39.87 -4.18 1.95
C TYR A 117 39.32 -2.91 1.31
N VAL A 118 38.09 -2.54 1.68
CA VAL A 118 37.50 -1.33 1.14
C VAL A 118 36.94 -0.47 2.27
N PRO A 119 37.47 0.77 2.41
CA PRO A 119 36.95 1.71 3.40
C PRO A 119 36.01 2.74 2.72
N TYR A 120 34.98 3.16 3.43
CA TYR A 120 34.06 4.16 2.89
C TYR A 120 33.99 5.34 3.86
N THR A 121 33.04 6.26 3.67
CA THR A 121 32.94 7.38 4.61
C THR A 121 32.44 6.81 5.93
N GLN A 122 31.37 5.99 5.84
CA GLN A 122 30.78 5.24 6.91
C GLN A 122 30.93 3.79 6.51
N GLY A 123 31.60 3.07 7.37
CA GLY A 123 31.81 1.64 7.23
C GLY A 123 33.02 1.23 6.43
N LYS A 124 33.34 -0.05 6.59
CA LYS A 124 34.44 -0.67 5.86
C LYS A 124 34.21 -2.17 5.87
N TRP A 125 34.88 -2.88 4.97
CA TRP A 125 34.77 -4.34 4.99
C TRP A 125 36.03 -4.95 4.43
N GLU A 126 36.19 -6.25 4.67
CA GLU A 126 37.32 -7.03 4.18
C GLU A 126 36.72 -8.27 3.56
N GLY A 127 37.39 -8.74 2.52
CA GLY A 127 36.87 -9.91 1.84
C GLY A 127 37.89 -10.62 0.98
N GLU A 128 37.39 -11.58 0.22
CA GLU A 128 38.19 -12.47 -0.62
C GLU A 128 37.73 -12.33 -2.05
N LEU A 129 38.67 -12.09 -2.95
CA LEU A 129 38.34 -11.92 -4.36
C LEU A 129 38.11 -13.24 -5.09
N GLY A 130 37.16 -13.18 -6.01
CA GLY A 130 36.81 -14.30 -6.86
C GLY A 130 36.06 -13.78 -8.06
N THR A 131 35.67 -14.70 -8.95
CA THR A 131 34.80 -14.33 -10.08
C THR A 131 33.67 -15.34 -10.14
N ASP A 132 32.57 -14.96 -10.75
CA ASP A 132 31.45 -15.87 -10.93
C ASP A 132 30.51 -15.24 -11.96
N LEU A 133 29.58 -16.04 -12.46
CA LEU A 133 28.56 -15.55 -13.39
C LEU A 133 27.52 -14.73 -12.62
N VAL A 134 27.13 -13.60 -13.20
CA VAL A 134 26.21 -12.68 -12.58
C VAL A 134 25.14 -12.26 -13.58
N SER A 135 23.91 -12.11 -13.09
CA SER A 135 22.80 -11.64 -13.92
CA SER A 135 22.82 -11.61 -13.93
C SER A 135 21.98 -10.61 -13.15
N ILE A 136 21.19 -9.83 -13.88
CA ILE A 136 20.29 -8.82 -13.27
C ILE A 136 18.90 -9.21 -13.80
N PRO A 137 18.07 -9.89 -12.97
CA PRO A 137 16.76 -10.38 -13.46
C PRO A 137 15.89 -9.31 -14.10
N HIS A 138 15.86 -8.07 -13.52
CA HIS A 138 15.09 -6.97 -14.15
C HIS A 138 16.09 -6.03 -14.80
N GLY A 139 16.88 -6.58 -15.70
CA GLY A 139 17.96 -5.86 -16.35
C GLY A 139 18.09 -6.33 -17.77
N PRO A 140 19.26 -6.21 -18.38
CA PRO A 140 19.44 -6.72 -19.74
C PRO A 140 19.44 -8.25 -19.63
N ASN A 141 19.00 -8.92 -20.65
CA ASN A 141 18.92 -10.37 -20.63
C ASN A 141 20.29 -10.95 -21.02
N VAL A 142 21.27 -10.76 -20.14
CA VAL A 142 22.65 -11.22 -20.38
C VAL A 142 23.21 -11.76 -19.05
N THR A 143 24.24 -12.59 -19.14
CA THR A 143 24.94 -13.13 -17.99
C THR A 143 26.39 -12.86 -18.26
N VAL A 144 27.11 -12.33 -17.26
CA VAL A 144 28.53 -12.00 -17.46
C VAL A 144 29.35 -12.58 -16.36
N ARG A 145 30.64 -12.79 -16.61
CA ARG A 145 31.54 -13.23 -15.54
C ARG A 145 32.20 -11.97 -14.98
N ALA A 146 32.03 -11.75 -13.69
CA ALA A 146 32.50 -10.52 -13.05
C ALA A 146 33.29 -10.79 -11.82
N ASN A 147 34.15 -9.83 -11.44
CA ASN A 147 34.88 -9.89 -10.19
C ASN A 147 33.88 -9.70 -9.03
N ILE A 148 34.04 -10.49 -7.96
CA ILE A 148 33.16 -10.38 -6.80
C ILE A 148 34.04 -10.47 -5.58
N ALA A 149 33.90 -9.49 -4.68
CA ALA A 149 34.57 -9.54 -3.40
C ALA A 149 33.57 -10.19 -2.41
N ALA A 150 33.95 -11.36 -1.89
CA ALA A 150 33.13 -12.08 -0.92
C ALA A 150 33.44 -11.53 0.46
N ILE A 151 32.52 -10.71 1.02
CA ILE A 151 32.78 -10.04 2.31
C ILE A 151 32.76 -11.05 3.47
N THR A 152 33.87 -11.11 4.21
CA THR A 152 34.05 -12.04 5.33
C THR A 152 34.05 -11.33 6.66
N GLU A 153 34.42 -10.05 6.68
CA GLU A 153 34.42 -9.23 7.90
C GLU A 153 33.96 -7.82 7.55
N SER A 154 33.26 -7.15 8.46
CA SER A 154 32.82 -5.78 8.17
C SER A 154 32.60 -4.98 9.44
N ASP A 155 32.58 -3.66 9.31
CA ASP A 155 32.34 -2.79 10.47
C ASP A 155 31.50 -1.62 10.04
N LYS A 156 30.28 -1.51 10.60
CA LYS A 156 29.36 -0.39 10.32
C LYS A 156 29.07 -0.24 8.82
N PHE A 157 29.02 -1.38 8.12
CA PHE A 157 28.74 -1.40 6.68
C PHE A 157 27.27 -1.81 6.43
N PHE A 158 26.94 -3.07 6.77
CA PHE A 158 25.57 -3.57 6.63
C PHE A 158 24.67 -2.81 7.56
N ILE A 159 23.45 -2.60 7.13
CA ILE A 159 22.44 -1.82 7.87
C ILE A 159 21.28 -2.71 8.22
N ASN A 160 20.92 -2.71 9.50
CA ASN A 160 19.78 -3.51 9.98
C ASN A 160 18.48 -3.06 9.30
N GLY A 161 17.82 -4.02 8.66
CA GLY A 161 16.53 -3.85 7.98
C GLY A 161 16.58 -3.14 6.65
N SER A 162 17.79 -2.96 6.05
CA SER A 162 17.93 -2.25 4.75
C SER A 162 17.50 -3.10 3.54
N ASN A 163 17.44 -4.44 3.72
CA ASN A 163 17.10 -5.46 2.72
CA ASN A 163 17.06 -5.36 2.64
C ASN A 163 18.16 -5.62 1.62
N TRP A 164 19.37 -5.04 1.79
CA TRP A 164 20.42 -5.31 0.82
C TRP A 164 21.56 -6.10 1.47
N GLU A 165 22.25 -6.90 0.65
CA GLU A 165 23.30 -7.81 1.09
C GLU A 165 24.64 -7.60 0.39
N GLY A 166 24.73 -6.62 -0.49
CA GLY A 166 25.97 -6.36 -1.19
C GLY A 166 25.92 -4.98 -1.81
N ILE A 167 26.98 -4.62 -2.54
CA ILE A 167 27.12 -3.28 -3.14
C ILE A 167 27.68 -3.41 -4.54
N LEU A 168 27.15 -2.59 -5.45
CA LEU A 168 27.58 -2.57 -6.85
C LEU A 168 28.22 -1.21 -7.11
N GLY A 169 29.55 -1.19 -7.11
CA GLY A 169 30.32 0.01 -7.40
C GLY A 169 30.31 0.23 -8.89
N LEU A 170 29.66 1.32 -9.32
CA LEU A 170 29.50 1.63 -10.76
C LEU A 170 30.49 2.64 -11.32
N ALA A 171 31.45 3.08 -10.53
CA ALA A 171 32.43 4.06 -10.99
C ALA A 171 33.59 3.33 -11.68
N TYR A 172 34.69 4.03 -11.92
CA TYR A 172 35.75 3.50 -12.76
C TYR A 172 36.88 2.78 -12.03
N ALA A 173 37.65 2.00 -12.79
CA ALA A 173 38.73 1.17 -12.26
C ALA A 173 39.77 1.91 -11.45
N GLU A 174 40.04 3.20 -11.79
CA GLU A 174 41.04 3.99 -11.06
CA GLU A 174 41.02 4.02 -11.06
C GLU A 174 40.88 3.91 -9.54
N ILE A 175 39.63 3.90 -9.04
CA ILE A 175 39.39 3.86 -7.59
C ILE A 175 39.05 2.47 -7.04
N ALA A 176 39.12 1.42 -7.89
CA ALA A 176 38.85 0.06 -7.44
C ALA A 176 39.95 -0.41 -6.44
N ARG A 177 39.57 -1.21 -5.45
CA ARG A 177 40.54 -1.82 -4.53
C ARG A 177 40.67 -3.30 -4.93
N PRO A 178 41.85 -3.94 -4.77
CA PRO A 178 43.11 -3.37 -4.21
C PRO A 178 43.75 -2.36 -5.13
N ASP A 179 43.50 -2.47 -6.44
CA ASP A 179 44.06 -1.55 -7.43
C ASP A 179 43.24 -1.54 -8.72
N ASP A 180 43.66 -0.71 -9.70
CA ASP A 180 42.94 -0.55 -10.96
C ASP A 180 42.97 -1.78 -11.89
N SER A 181 43.69 -2.86 -11.51
CA SER A 181 43.64 -4.03 -12.36
C SER A 181 42.37 -4.88 -12.07
N LEU A 182 41.61 -4.54 -11.01
CA LEU A 182 40.38 -5.30 -10.70
C LEU A 182 39.23 -4.67 -11.49
N GLU A 183 38.93 -5.24 -12.65
CA GLU A 183 37.93 -4.71 -13.55
C GLU A 183 36.57 -4.54 -12.85
N PRO A 184 35.96 -3.33 -12.86
CA PRO A 184 34.64 -3.20 -12.20
C PRO A 184 33.53 -3.90 -13.02
N PHE A 185 32.41 -4.16 -12.35
CA PHE A 185 31.29 -4.84 -12.97
C PHE A 185 30.86 -4.25 -14.31
N PHE A 186 30.61 -2.92 -14.37
CA PHE A 186 30.06 -2.34 -15.60
C PHE A 186 31.00 -2.46 -16.77
N ASP A 187 32.33 -2.39 -16.49
CA ASP A 187 33.37 -2.55 -17.54
C ASP A 187 33.26 -4.00 -18.06
N SER A 188 33.08 -4.98 -17.16
CA SER A 188 32.93 -6.39 -17.60
C SER A 188 31.69 -6.55 -18.44
N LEU A 189 30.57 -5.96 -17.97
CA LEU A 189 29.30 -6.09 -18.67
C LEU A 189 29.45 -5.58 -20.11
N VAL A 190 30.04 -4.37 -20.27
CA VAL A 190 30.18 -3.78 -21.60
C VAL A 190 31.10 -4.61 -22.49
N LYS A 191 32.21 -5.06 -21.93
CA LYS A 191 33.21 -5.84 -22.68
C LYS A 191 32.66 -7.19 -23.17
N GLN A 192 31.80 -7.84 -22.37
CA GLN A 192 31.33 -9.19 -22.70
C GLN A 192 30.02 -9.26 -23.47
N THR A 193 29.28 -8.14 -23.60
CA THR A 193 27.97 -8.15 -24.26
C THR A 193 27.86 -6.99 -25.26
N HIS A 194 26.66 -6.80 -25.82
CA HIS A 194 26.44 -5.68 -26.74
C HIS A 194 25.74 -4.52 -25.99
N VAL A 195 25.73 -4.56 -24.65
CA VAL A 195 25.06 -3.51 -23.88
C VAL A 195 25.80 -2.20 -24.09
N PRO A 196 25.09 -1.12 -24.51
CA PRO A 196 25.76 0.19 -24.69
C PRO A 196 26.40 0.69 -23.39
N ASN A 197 27.49 1.46 -23.52
CA ASN A 197 28.30 1.93 -22.39
C ASN A 197 27.65 3.17 -21.73
N LEU A 198 26.49 2.94 -21.09
CA LEU A 198 25.70 3.99 -20.46
C LEU A 198 24.70 3.35 -19.51
N PHE A 199 24.39 4.03 -18.40
CA PHE A 199 23.28 3.59 -17.56
C PHE A 199 22.67 4.87 -17.02
N SER A 200 21.45 4.76 -16.55
CA SER A 200 20.75 5.94 -16.03
C SER A 200 20.02 5.56 -14.79
N LEU A 201 19.89 6.53 -13.84
CA LEU A 201 19.26 6.26 -12.56
C LEU A 201 18.16 7.23 -12.23
N GLN A 202 17.04 6.69 -11.82
CA GLN A 202 15.89 7.48 -11.33
C GLN A 202 15.66 7.00 -9.91
N LEU A 203 16.13 7.75 -8.91
CA LEU A 203 15.92 7.36 -7.51
C LEU A 203 14.67 8.08 -7.05
N CYS A 204 13.72 7.33 -6.50
CA CYS A 204 12.44 7.91 -6.13
C CYS A 204 12.24 7.95 -4.65
N GLY A 205 12.29 9.16 -4.09
CA GLY A 205 11.98 9.35 -2.68
C GLY A 205 10.48 9.42 -2.52
N ALA A 206 9.96 8.86 -1.43
CA ALA A 206 8.48 8.86 -1.23
C ALA A 206 7.95 10.22 -0.77
N GLY A 207 8.78 10.98 -0.07
CA GLY A 207 8.36 12.24 0.55
C GLY A 207 7.77 12.04 1.95
N PHE A 208 7.81 10.78 2.45
CA PHE A 208 7.35 10.42 3.77
C PHE A 208 8.08 9.15 4.20
N PRO A 209 8.11 8.81 5.51
CA PRO A 209 8.87 7.64 5.95
C PRO A 209 8.28 6.32 5.49
N LEU A 210 9.15 5.34 5.32
CA LEU A 210 8.79 3.97 4.95
C LEU A 210 9.46 3.03 5.94
N ASN A 211 8.71 2.11 6.48
CA ASN A 211 9.34 1.09 7.33
C ASN A 211 9.86 -0.06 6.41
N GLN A 212 10.52 -1.09 6.99
CA GLN A 212 11.07 -2.21 6.21
C GLN A 212 10.01 -2.89 5.30
N SER A 213 8.79 -3.09 5.81
CA SER A 213 7.67 -3.71 5.07
C SER A 213 7.18 -2.84 3.90
N GLU A 214 7.11 -1.51 4.12
CA GLU A 214 6.70 -0.55 3.10
C GLU A 214 7.76 -0.46 2.03
N VAL A 215 9.07 -0.49 2.39
CA VAL A 215 10.17 -0.52 1.40
C VAL A 215 10.04 -1.75 0.53
N LEU A 216 9.78 -2.93 1.13
CA LEU A 216 9.65 -4.16 0.39
C LEU A 216 8.53 -4.13 -0.63
N ALA A 217 7.42 -3.47 -0.29
CA ALA A 217 6.23 -3.38 -1.14
C ALA A 217 6.19 -2.21 -2.11
N SER A 218 7.13 -1.24 -1.98
CA SER A 218 7.17 -0.01 -2.79
CA SER A 218 7.17 0.00 -2.77
C SER A 218 8.26 -0.03 -3.84
N VAL A 219 8.03 0.70 -4.92
CA VAL A 219 9.02 0.89 -6.01
C VAL A 219 9.89 2.07 -5.57
N GLY A 220 11.21 1.88 -5.61
CA GLY A 220 12.14 2.93 -5.25
C GLY A 220 12.78 3.65 -6.42
N GLY A 221 12.49 3.23 -7.64
CA GLY A 221 13.09 3.88 -8.80
C GLY A 221 13.50 2.93 -9.88
N SER A 222 14.36 3.42 -10.78
CA SER A 222 14.80 2.63 -11.95
C SER A 222 16.25 2.77 -12.22
N MET A 223 16.89 1.66 -12.57
CA MET A 223 18.26 1.69 -13.08
C MET A 223 18.16 1.12 -14.51
N ILE A 224 18.32 1.99 -15.49
CA ILE A 224 18.22 1.57 -16.90
C ILE A 224 19.62 1.29 -17.37
N ILE A 225 19.91 0.01 -17.64
CA ILE A 225 21.23 -0.41 -18.09
CA ILE A 225 21.25 -0.39 -18.09
C ILE A 225 21.28 -0.41 -19.61
N GLY A 226 22.17 0.41 -20.17
CA GLY A 226 22.34 0.52 -21.60
C GLY A 226 21.44 1.49 -22.32
N GLY A 227 20.70 2.35 -21.59
CA GLY A 227 19.85 3.31 -22.28
C GLY A 227 19.23 4.36 -21.38
N ILE A 228 18.40 5.21 -22.02
CA ILE A 228 17.67 6.32 -21.40
C ILE A 228 16.19 6.03 -21.64
N ASP A 229 15.39 6.02 -20.58
CA ASP A 229 13.95 5.78 -20.71
C ASP A 229 13.24 7.12 -20.59
N HIS A 230 12.62 7.56 -21.68
CA HIS A 230 12.04 8.91 -21.72
C HIS A 230 10.77 9.09 -20.87
N SER A 231 10.20 8.03 -20.30
CA SER A 231 9.04 8.15 -19.40
C SER A 231 9.47 8.62 -17.98
N LEU A 232 10.78 8.56 -17.72
CA LEU A 232 11.30 8.83 -16.37
C LEU A 232 11.59 10.30 -16.06
N TYR A 233 11.47 11.17 -17.05
CA TYR A 233 11.77 12.58 -16.85
C TYR A 233 10.85 13.48 -17.61
N THR A 234 10.86 14.77 -17.24
CA THR A 234 10.10 15.79 -17.98
C THR A 234 11.12 16.82 -18.44
N GLY A 235 10.74 17.59 -19.48
CA GLY A 235 11.63 18.62 -20.00
C GLY A 235 12.86 18.07 -20.70
N SER A 236 13.92 18.86 -20.76
CA SER A 236 15.13 18.45 -21.48
C SER A 236 16.22 17.86 -20.59
N LEU A 237 17.07 17.02 -21.21
CA LEU A 237 18.29 16.51 -20.56
C LEU A 237 19.40 17.49 -20.87
N TRP A 238 20.12 17.95 -19.85
CA TRP A 238 21.28 18.82 -19.99
C TRP A 238 22.49 18.05 -19.49
N TYR A 239 23.59 18.15 -20.22
CA TYR A 239 24.78 17.37 -19.92
C TYR A 239 25.95 18.20 -19.42
N THR A 240 26.67 17.63 -18.44
CA THR A 240 27.90 18.18 -17.89
C THR A 240 29.03 17.19 -18.22
N PRO A 241 30.24 17.66 -18.59
CA PRO A 241 31.34 16.71 -18.86
C PRO A 241 31.78 15.96 -17.61
N ILE A 242 32.20 14.70 -17.77
CA ILE A 242 32.85 13.97 -16.68
C ILE A 242 34.31 14.48 -16.76
N ARG A 243 34.76 15.16 -15.72
CA ARG A 243 36.07 15.81 -15.76
C ARG A 243 37.22 14.79 -15.91
N ARG A 244 37.15 13.67 -15.17
CA ARG A 244 38.16 12.62 -15.15
C ARG A 244 37.37 11.34 -14.77
N GLU A 245 37.74 10.21 -15.37
CA GLU A 245 37.05 8.94 -15.13
C GLU A 245 37.69 8.19 -13.96
N TRP A 246 37.21 8.45 -12.75
CA TRP A 246 37.67 7.79 -11.54
C TRP A 246 36.39 7.65 -10.71
N TYR A 247 36.01 8.69 -9.98
CA TYR A 247 34.63 8.89 -9.52
C TYR A 247 33.93 9.51 -10.74
N TYR A 248 32.60 9.75 -10.66
CA TYR A 248 31.89 10.50 -11.70
C TYR A 248 32.08 11.96 -11.31
N GLU A 249 33.25 12.54 -11.67
CA GLU A 249 33.65 13.88 -11.26
C GLU A 249 33.08 14.93 -12.20
N VAL A 250 32.48 16.01 -11.62
CA VAL A 250 31.91 17.09 -12.41
C VAL A 250 32.42 18.40 -11.86
N ILE A 251 32.06 19.52 -12.53
CA ILE A 251 32.49 20.85 -12.07
CA ILE A 251 32.48 20.86 -12.12
C ILE A 251 31.28 21.74 -11.84
N ILE A 252 31.16 22.25 -10.60
CA ILE A 252 30.10 23.20 -10.21
C ILE A 252 30.69 24.61 -10.40
N VAL A 253 29.94 25.51 -11.05
CA VAL A 253 30.50 26.83 -11.37
C VAL A 253 29.83 27.99 -10.63
N ARG A 254 28.70 27.73 -10.00
CA ARG A 254 27.94 28.76 -9.29
C ARG A 254 26.95 28.06 -8.38
N VAL A 255 26.67 28.67 -7.24
CA VAL A 255 25.69 28.12 -6.29
C VAL A 255 24.78 29.27 -5.89
N GLU A 256 23.46 29.03 -5.89
CA GLU A 256 22.49 30.03 -5.43
C GLU A 256 21.59 29.43 -4.37
N ILE A 257 21.16 30.27 -3.42
CA ILE A 257 20.18 29.88 -2.42
C ILE A 257 19.02 30.86 -2.66
N ASN A 258 17.86 30.38 -3.15
CA ASN A 258 16.72 31.27 -3.49
C ASN A 258 17.15 32.41 -4.46
N GLY A 259 17.99 32.05 -5.44
CA GLY A 259 18.44 33.01 -6.46
C GLY A 259 19.61 33.88 -6.01
N GLN A 260 19.95 33.84 -4.70
CA GLN A 260 21.05 34.67 -4.20
C GLN A 260 22.36 33.91 -4.35
N ASP A 261 23.31 34.51 -5.06
CA ASP A 261 24.60 33.91 -5.31
C ASP A 261 25.34 33.70 -3.98
N LEU A 262 25.87 32.50 -3.75
CA LEU A 262 26.66 32.25 -2.53
C LEU A 262 27.99 33.02 -2.57
N LYS A 263 28.41 33.38 -3.77
CA LYS A 263 29.52 34.31 -4.09
C LYS A 263 30.87 33.86 -3.60
N MET A 264 31.11 32.56 -3.65
CA MET A 264 32.44 32.07 -3.31
C MET A 264 33.21 31.87 -4.60
N ASP A 265 34.56 31.89 -4.51
CA ASP A 265 35.44 31.56 -5.65
C ASP A 265 35.00 30.14 -6.06
N CYS A 266 34.71 29.89 -7.36
CA CYS A 266 34.14 28.59 -7.77
C CYS A 266 35.07 27.39 -7.49
N LYS A 267 36.38 27.60 -7.31
CA LYS A 267 37.24 26.47 -6.91
C LYS A 267 36.81 25.90 -5.55
N GLU A 268 36.23 26.74 -4.67
CA GLU A 268 35.78 26.27 -3.36
C GLU A 268 34.69 25.19 -3.48
N TYR A 269 33.82 25.32 -4.51
CA TYR A 269 32.71 24.34 -4.67
C TYR A 269 33.21 22.96 -5.09
N ASN A 270 34.43 22.91 -5.65
CA ASN A 270 34.99 21.64 -6.18
C ASN A 270 36.28 21.29 -5.45
N TYR A 271 36.40 21.72 -4.20
CA TYR A 271 37.62 21.47 -3.42
C TYR A 271 37.40 20.24 -2.51
N ASP A 272 38.07 19.09 -2.73
CA ASP A 272 39.06 18.83 -3.77
C ASP A 272 38.50 18.14 -5.03
N LYS A 273 37.19 17.88 -5.02
CA LYS A 273 36.49 17.34 -6.20
C LYS A 273 35.01 17.50 -5.96
N SER A 274 34.19 17.29 -7.00
CA SER A 274 32.73 17.24 -6.89
C SER A 274 32.32 15.96 -7.61
N ILE A 275 31.53 15.10 -6.96
CA ILE A 275 31.15 13.82 -7.60
C ILE A 275 29.66 13.59 -7.48
N VAL A 276 29.15 12.70 -8.35
CA VAL A 276 27.72 12.30 -8.33
C VAL A 276 27.74 10.91 -7.72
N ASP A 277 27.06 10.74 -6.56
CA ASP A 277 27.20 9.53 -5.75
C ASP A 277 25.89 8.98 -5.21
N SER A 278 25.34 7.94 -5.88
CA SER A 278 24.09 7.33 -5.42
C SER A 278 24.23 6.57 -4.09
N GLY A 279 25.48 6.27 -3.70
CA GLY A 279 25.75 5.52 -2.49
C GLY A 279 25.96 6.35 -1.23
N THR A 280 25.73 7.68 -1.33
CA THR A 280 25.85 8.58 -0.17
C THR A 280 24.47 9.21 0.01
N THR A 281 23.99 9.32 1.25
CA THR A 281 22.65 9.88 1.46
C THR A 281 22.56 11.36 1.15
N ASN A 282 23.44 12.14 1.78
CA ASN A 282 23.33 13.59 1.77
C ASN A 282 23.92 14.31 0.60
N LEU A 283 23.56 15.61 0.49
CA LEU A 283 24.31 16.54 -0.33
C LEU A 283 25.46 16.94 0.63
N ARG A 284 26.69 16.59 0.31
CA ARG A 284 27.85 16.92 1.19
C ARG A 284 28.63 18.03 0.57
N LEU A 285 28.99 19.06 1.37
CA LEU A 285 29.69 20.22 0.77
C LEU A 285 31.01 20.43 1.50
N PRO A 286 32.05 20.93 0.79
CA PRO A 286 33.34 21.27 1.47
C PRO A 286 33.06 22.20 2.64
N LYS A 287 33.79 22.03 3.75
CA LYS A 287 33.57 22.78 4.98
C LYS A 287 33.21 24.26 4.81
N LYS A 288 34.03 25.02 4.07
CA LYS A 288 33.78 26.45 3.90
CA LYS A 288 33.81 26.45 3.88
C LYS A 288 32.47 26.72 3.17
N VAL A 289 32.16 25.89 2.17
CA VAL A 289 30.92 26.00 1.39
C VAL A 289 29.73 25.64 2.29
N PHE A 290 29.86 24.56 3.06
CA PHE A 290 28.82 24.18 3.99
C PHE A 290 28.52 25.34 4.97
N GLU A 291 29.58 25.95 5.55
CA GLU A 291 29.34 27.05 6.49
C GLU A 291 28.60 28.22 5.82
N ALA A 292 28.98 28.58 4.56
CA ALA A 292 28.31 29.69 3.85
C ALA A 292 26.86 29.30 3.49
N ALA A 293 26.66 28.06 3.00
CA ALA A 293 25.34 27.61 2.57
C ALA A 293 24.39 27.57 3.77
N VAL A 294 24.81 26.99 4.89
CA VAL A 294 23.90 26.93 6.04
CA VAL A 294 23.94 26.93 6.07
C VAL A 294 23.57 28.33 6.55
N LYS A 295 24.54 29.27 6.52
CA LYS A 295 24.25 30.63 6.96
C LYS A 295 23.16 31.23 6.09
N SER A 296 23.26 31.00 4.78
CA SER A 296 22.29 31.48 3.80
C SER A 296 20.92 30.79 3.95
N ILE A 297 20.91 29.47 4.17
CA ILE A 297 19.65 28.74 4.36
C ILE A 297 18.96 29.16 5.66
N LYS A 298 19.75 29.37 6.72
CA LYS A 298 19.19 29.86 8.00
C LYS A 298 18.55 31.23 7.77
N ALA A 299 19.24 32.12 7.07
CA ALA A 299 18.73 33.49 6.81
C ALA A 299 17.42 33.43 6.02
N ALA A 300 17.36 32.54 5.02
CA ALA A 300 16.14 32.45 4.19
C ALA A 300 14.97 31.87 4.95
N SER A 301 15.23 30.99 5.91
CA SER A 301 14.17 30.29 6.68
C SER A 301 13.97 30.94 8.07
N SER A 302 14.47 32.18 8.26
CA SER A 302 14.56 32.80 9.58
C SER A 302 13.24 33.08 10.25
N THR A 303 12.09 32.91 9.55
CA THR A 303 10.81 33.07 10.26
C THR A 303 10.58 31.94 11.28
N GLU A 304 11.40 30.85 11.24
CA GLU A 304 11.33 29.78 12.23
C GLU A 304 12.77 29.50 12.67
N LYS A 305 12.97 29.35 13.98
CA LYS A 305 14.28 29.07 14.55
C LYS A 305 14.42 27.58 14.75
N PHE A 306 15.52 26.99 14.24
CA PHE A 306 15.77 25.56 14.39
C PHE A 306 17.01 25.38 15.26
N PRO A 307 17.05 24.30 16.05
CA PRO A 307 18.22 24.09 16.92
C PRO A 307 19.48 23.74 16.15
N ASP A 308 20.64 23.97 16.77
CA ASP A 308 21.91 23.65 16.15
C ASP A 308 21.98 22.17 15.71
N GLY A 309 21.42 21.26 16.51
CA GLY A 309 21.37 19.82 16.24
C GLY A 309 20.69 19.52 14.90
N PHE A 310 19.69 20.33 14.53
CA PHE A 310 19.02 20.15 13.23
C PHE A 310 19.99 20.50 12.10
N TRP A 311 20.61 21.69 12.15
CA TRP A 311 21.54 22.13 11.10
C TRP A 311 22.78 21.24 10.99
N LEU A 312 23.14 20.55 12.09
CA LEU A 312 24.27 19.62 12.05
C LEU A 312 23.86 18.21 11.55
N GLY A 313 22.58 18.06 11.18
CA GLY A 313 22.02 16.84 10.62
C GLY A 313 21.84 15.68 11.56
N GLU A 314 21.85 15.97 12.89
CA GLU A 314 21.74 15.00 13.99
C GLU A 314 20.32 14.84 14.51
N GLN A 315 19.56 15.94 14.56
CA GLN A 315 18.26 16.00 15.19
C GLN A 315 17.15 16.17 14.19
N LEU A 316 16.06 15.44 14.41
CA LEU A 316 14.91 15.65 13.54
C LEU A 316 14.09 16.85 13.98
N VAL A 317 13.30 17.41 13.07
CA VAL A 317 12.33 18.44 13.47
C VAL A 317 10.98 17.92 13.01
N CYS A 318 9.90 18.27 13.73
CA CYS A 318 8.57 17.75 13.41
C CYS A 318 7.58 18.87 13.33
N TRP A 319 6.58 18.69 12.47
CA TRP A 319 5.43 19.57 12.34
C TRP A 319 4.16 18.77 12.44
N GLN A 320 3.07 19.42 12.83
CA GLN A 320 1.77 18.75 12.87
C GLN A 320 1.46 18.24 11.45
N ALA A 321 0.82 17.08 11.36
CA ALA A 321 0.49 16.43 10.10
C ALA A 321 0.03 17.40 9.01
N GLY A 322 0.75 17.35 7.88
CA GLY A 322 0.45 18.15 6.69
C GLY A 322 0.82 19.62 6.74
N THR A 323 1.41 20.09 7.86
CA THR A 323 1.73 21.53 8.02
C THR A 323 3.18 21.91 7.76
N THR A 324 4.01 20.98 7.23
CA THR A 324 5.42 21.31 6.97
C THR A 324 5.45 22.60 6.15
N PRO A 325 6.18 23.62 6.64
CA PRO A 325 6.21 24.93 5.98
C PRO A 325 7.25 24.97 4.87
N TRP A 326 7.04 24.16 3.83
CA TRP A 326 8.01 24.10 2.74
C TRP A 326 8.38 25.48 2.22
N ASN A 327 7.39 26.39 2.10
CA ASN A 327 7.59 27.71 1.49
C ASN A 327 8.58 28.60 2.25
N ILE A 328 8.87 28.29 3.53
CA ILE A 328 9.86 29.15 4.26
C ILE A 328 11.30 28.75 3.91
N PHE A 329 11.47 27.52 3.40
CA PHE A 329 12.80 27.01 3.03
C PHE A 329 13.13 27.37 1.57
N PRO A 330 14.41 27.72 1.31
CA PRO A 330 14.78 28.14 -0.03
C PRO A 330 15.03 26.99 -0.99
N VAL A 331 14.97 27.32 -2.29
CA VAL A 331 15.42 26.34 -3.27
C VAL A 331 16.96 26.48 -3.36
N ILE A 332 17.64 25.44 -3.84
CA ILE A 332 19.11 25.49 -3.99
C ILE A 332 19.41 25.20 -5.43
N SER A 333 20.24 26.06 -6.07
CA SER A 333 20.60 25.81 -7.46
C SER A 333 22.08 25.58 -7.56
N LEU A 334 22.46 24.51 -8.26
CA LEU A 334 23.85 24.24 -8.55
C LEU A 334 23.99 24.41 -10.05
N TYR A 335 24.93 25.28 -10.46
CA TYR A 335 25.21 25.46 -11.89
C TYR A 335 26.36 24.54 -12.21
N LEU A 336 26.22 23.81 -13.31
CA LEU A 336 27.22 22.84 -13.78
C LEU A 336 27.80 23.26 -15.11
N MET A 337 29.07 22.93 -15.33
CA MET A 337 29.72 23.25 -16.61
C MET A 337 28.94 22.53 -17.72
N GLY A 338 28.68 23.23 -18.82
CA GLY A 338 28.00 22.64 -19.96
C GLY A 338 28.97 21.98 -20.93
N GLU A 339 28.43 21.37 -21.99
CA GLU A 339 29.32 20.73 -23.00
C GLU A 339 29.79 21.77 -24.02
N VAL A 340 29.05 22.90 -24.16
CA VAL A 340 29.38 23.98 -25.11
C VAL A 340 30.32 24.95 -24.43
N THR A 341 31.34 25.44 -25.16
CA THR A 341 32.26 26.42 -24.62
C THR A 341 31.48 27.61 -24.04
N ASN A 342 31.88 27.99 -22.83
CA ASN A 342 31.35 29.13 -22.06
C ASN A 342 29.86 29.02 -21.72
N GLN A 343 29.31 27.79 -21.68
CA GLN A 343 27.89 27.65 -21.35
C GLN A 343 27.76 26.81 -20.09
N SER A 344 26.84 27.17 -19.22
CA SER A 344 26.52 26.35 -18.04
C SER A 344 25.01 26.11 -18.03
N PHE A 345 24.53 25.27 -17.09
CA PHE A 345 23.10 25.10 -16.90
C PHE A 345 22.93 24.93 -15.42
N ARG A 346 21.70 24.99 -14.93
CA ARG A 346 21.53 24.81 -13.48
C ARG A 346 20.53 23.71 -13.16
N ILE A 347 20.72 23.07 -12.01
CA ILE A 347 19.75 22.11 -11.47
C ILE A 347 19.26 22.78 -10.18
N THR A 348 17.97 22.75 -9.94
CA THR A 348 17.40 23.39 -8.76
C THR A 348 16.62 22.39 -7.95
N ILE A 349 16.96 22.30 -6.67
CA ILE A 349 16.28 21.39 -5.75
C ILE A 349 15.48 22.14 -4.73
N LEU A 350 14.48 21.44 -4.24
CA LEU A 350 13.58 21.97 -3.27
C LEU A 350 13.91 21.45 -1.88
N PRO A 351 13.29 22.06 -0.84
CA PRO A 351 13.41 21.47 0.50
C PRO A 351 12.81 20.04 0.55
N GLN A 352 11.84 19.70 -0.36
CA GLN A 352 11.31 18.33 -0.39
C GLN A 352 12.42 17.31 -0.75
N GLN A 353 13.55 17.80 -1.34
CA GLN A 353 14.72 16.96 -1.60
C GLN A 353 15.69 17.01 -0.42
N TYR A 354 16.05 18.23 0.09
CA TYR A 354 17.11 18.27 1.08
C TYR A 354 16.61 18.12 2.52
N LEU A 355 15.30 17.98 2.74
CA LEU A 355 14.76 17.62 4.06
C LEU A 355 14.33 16.15 3.94
N ARG A 356 15.03 15.25 4.60
CA ARG A 356 14.81 13.82 4.46
C ARG A 356 13.75 13.35 5.46
N PRO A 357 12.65 12.75 4.97
CA PRO A 357 11.61 12.25 5.90
C PRO A 357 12.14 11.16 6.81
N VAL A 358 11.81 11.28 8.09
CA VAL A 358 12.20 10.28 9.09
C VAL A 358 10.99 10.00 10.01
N GLU A 359 11.00 8.85 10.67
CA GLU A 359 9.92 8.55 11.60
C GLU A 359 10.20 9.27 12.92
N ASP A 360 9.13 9.69 13.61
CA ASP A 360 9.22 10.37 14.90
C ASP A 360 9.77 9.39 15.95
N VAL A 361 10.39 9.94 17.01
CA VAL A 361 10.92 9.17 18.14
C VAL A 361 9.76 8.42 18.88
N ALA A 362 8.51 8.95 18.76
CA ALA A 362 7.30 8.39 19.35
C ALA A 362 6.26 7.86 18.32
N THR A 363 6.67 7.75 17.02
CA THR A 363 5.88 7.26 15.86
C THR A 363 4.45 7.88 15.73
N SER A 364 4.31 9.18 16.12
CA SER A 364 3.08 10.00 16.11
C SER A 364 2.55 10.25 14.70
N GLN A 365 1.61 11.21 14.56
CA GLN A 365 1.07 11.58 13.24
CA GLN A 365 1.06 11.57 13.24
C GLN A 365 1.83 12.76 12.65
N ASP A 366 2.82 13.30 13.38
CA ASP A 366 3.60 14.45 12.88
C ASP A 366 4.42 14.07 11.66
N ASP A 367 4.77 15.09 10.87
CA ASP A 367 5.63 14.91 9.70
C ASP A 367 7.02 15.42 10.14
N CYS A 368 8.01 14.51 10.14
CA CYS A 368 9.35 14.80 10.66
C CYS A 368 10.41 14.65 9.61
N TYR A 369 11.50 15.37 9.79
CA TYR A 369 12.61 15.35 8.83
C TYR A 369 13.92 15.62 9.46
N LYS A 370 14.98 15.21 8.76
CA LYS A 370 16.34 15.60 9.11
C LYS A 370 16.89 16.45 7.95
N PHE A 371 17.78 17.39 8.28
CA PHE A 371 18.44 18.21 7.28
C PHE A 371 19.52 17.34 6.62
N ALA A 372 19.42 17.14 5.29
CA ALA A 372 20.28 16.20 4.58
C ALA A 372 21.36 16.87 3.77
N ILE A 373 21.87 17.99 4.32
CA ILE A 373 23.05 18.68 3.78
C ILE A 373 24.07 18.62 4.89
N SER A 374 25.30 18.18 4.58
CA SER A 374 26.30 18.04 5.66
C SER A 374 27.70 18.37 5.16
N GLN A 375 28.66 18.48 6.07
CA GLN A 375 29.97 18.90 5.64
C GLN A 375 30.84 17.75 5.20
N SER A 376 31.82 18.09 4.38
CA SER A 376 32.76 17.11 3.86
C SER A 376 34.16 17.67 3.89
N SER A 377 35.16 16.75 4.01
CA SER A 377 36.58 17.10 3.91
C SER A 377 37.14 16.45 2.64
N THR A 378 36.27 15.85 1.81
CA THR A 378 36.69 15.17 0.57
C THR A 378 35.94 15.72 -0.66
N GLY A 379 35.49 16.98 -0.59
CA GLY A 379 34.83 17.63 -1.70
C GLY A 379 33.32 17.52 -1.70
N THR A 380 32.67 18.04 -2.73
CA THR A 380 31.22 17.99 -2.84
C THR A 380 30.77 16.58 -3.20
N VAL A 381 29.66 16.14 -2.59
CA VAL A 381 29.07 14.83 -2.94
C VAL A 381 27.62 15.07 -3.24
N MET A 382 27.22 14.88 -4.52
CA MET A 382 25.82 15.04 -4.88
C MET A 382 25.20 13.65 -4.61
N GLY A 383 24.71 13.46 -3.38
CA GLY A 383 24.18 12.18 -2.93
C GLY A 383 22.75 11.91 -3.32
N ALA A 384 22.19 10.85 -2.76
CA ALA A 384 20.88 10.36 -3.11
C ALA A 384 19.79 11.41 -2.94
N VAL A 385 19.85 12.26 -1.88
CA VAL A 385 18.76 13.24 -1.69
C VAL A 385 18.70 14.24 -2.84
N ILE A 386 19.85 14.58 -3.47
CA ILE A 386 19.84 15.47 -4.62
C ILE A 386 19.46 14.67 -5.89
N MET A 387 19.96 13.42 -6.02
CA MET A 387 19.57 12.58 -7.16
C MET A 387 18.09 12.27 -7.22
N GLU A 388 17.38 12.30 -6.07
CA GLU A 388 15.93 12.08 -6.02
C GLU A 388 15.15 13.14 -6.81
N GLY A 389 15.77 14.29 -7.07
CA GLY A 389 15.06 15.32 -7.83
C GLY A 389 15.17 15.11 -9.34
N PHE A 390 16.13 14.25 -9.76
CA PHE A 390 16.46 14.19 -11.18
C PHE A 390 16.60 12.81 -11.72
N TYR A 391 16.42 12.72 -13.03
CA TYR A 391 16.79 11.52 -13.77
C TYR A 391 18.24 11.81 -14.19
N VAL A 392 19.19 10.90 -13.82
CA VAL A 392 20.61 11.13 -14.03
C VAL A 392 21.15 10.12 -15.01
N VAL A 393 21.74 10.61 -16.10
CA VAL A 393 22.26 9.71 -17.14
C VAL A 393 23.77 9.68 -17.06
N PHE A 394 24.33 8.49 -16.80
CA PHE A 394 25.78 8.29 -16.69
C PHE A 394 26.23 7.82 -18.07
N ASP A 395 26.48 8.80 -18.96
CA ASP A 395 26.84 8.50 -20.35
C ASP A 395 28.34 8.33 -20.44
N ARG A 396 28.79 7.12 -20.11
CA ARG A 396 30.22 6.81 -20.09
C ARG A 396 30.83 6.88 -21.49
N ALA A 397 30.07 6.45 -22.49
CA ALA A 397 30.53 6.43 -23.89
C ALA A 397 30.96 7.84 -24.35
N ARG A 398 30.22 8.88 -23.93
CA ARG A 398 30.46 10.27 -24.32
C ARG A 398 31.07 11.10 -23.18
N LYS A 399 31.50 10.43 -22.10
CA LYS A 399 32.16 11.05 -20.95
C LYS A 399 31.35 12.26 -20.48
N ARG A 400 30.07 12.03 -20.20
CA ARG A 400 29.21 13.13 -19.73
C ARG A 400 28.10 12.61 -18.83
N ILE A 401 27.55 13.49 -18.00
CA ILE A 401 26.44 13.13 -17.09
C ILE A 401 25.29 14.06 -17.44
N GLY A 402 24.13 13.48 -17.68
CA GLY A 402 22.92 14.22 -17.99
C GLY A 402 21.99 14.33 -16.82
N PHE A 403 21.29 15.48 -16.72
CA PHE A 403 20.28 15.70 -15.69
C PHE A 403 19.01 16.17 -16.34
N ALA A 404 17.89 15.68 -15.85
CA ALA A 404 16.56 16.18 -16.24
C ALA A 404 15.69 16.08 -15.01
N VAL A 405 14.63 16.88 -14.96
CA VAL A 405 13.70 16.79 -13.83
C VAL A 405 13.05 15.40 -13.75
N SER A 406 13.08 14.77 -12.58
CA SER A 406 12.49 13.44 -12.44
C SER A 406 10.98 13.47 -12.48
N ALA A 407 10.41 12.48 -13.16
CA ALA A 407 8.97 12.29 -13.16
C ALA A 407 8.45 11.86 -11.77
N CYS A 408 9.35 11.46 -10.84
CA CYS A 408 8.94 11.00 -9.50
C CYS A 408 9.44 11.95 -8.40
N HIS A 409 9.88 13.18 -8.75
CA HIS A 409 10.36 14.03 -7.63
C HIS A 409 9.21 14.56 -6.80
N VAL A 410 9.49 14.74 -5.52
CA VAL A 410 8.50 15.25 -4.57
C VAL A 410 8.47 16.79 -4.66
N HIS A 411 7.26 17.35 -4.73
CA HIS A 411 7.17 18.81 -4.82
C HIS A 411 5.83 19.26 -4.22
N ASP A 412 5.51 20.54 -4.40
CA ASP A 412 4.21 21.03 -3.92
C ASP A 412 3.53 21.74 -5.08
N GLU A 413 2.36 22.34 -4.81
CA GLU A 413 1.61 23.00 -5.89
CA GLU A 413 1.62 22.99 -5.91
C GLU A 413 2.27 24.30 -6.39
N PHE A 414 3.23 24.85 -5.66
CA PHE A 414 3.80 26.14 -6.00
C PHE A 414 5.18 26.12 -6.63
N ARG A 415 5.97 25.05 -6.35
CA ARG A 415 7.34 24.98 -6.86
C ARG A 415 7.63 23.55 -7.29
N THR A 416 8.52 23.39 -8.28
CA THR A 416 9.02 22.08 -8.69
C THR A 416 10.52 22.16 -8.84
N ALA A 417 11.17 20.99 -8.86
CA ALA A 417 12.60 20.98 -9.16
C ALA A 417 12.75 21.43 -10.62
N ALA A 418 13.95 21.83 -11.03
CA ALA A 418 14.15 22.32 -12.40
C ALA A 418 15.53 22.02 -12.92
N VAL A 419 15.65 21.95 -14.27
CA VAL A 419 16.94 21.86 -14.94
C VAL A 419 16.80 22.86 -16.07
N GLU A 420 17.62 23.91 -16.07
CA GLU A 420 17.42 25.03 -17.02
C GLU A 420 18.74 25.52 -17.56
N GLY A 421 18.68 26.09 -18.75
CA GLY A 421 19.87 26.64 -19.36
C GLY A 421 19.52 27.22 -20.72
N PRO A 422 20.53 27.78 -21.40
CA PRO A 422 21.93 27.92 -20.99
C PRO A 422 22.22 29.24 -20.30
N PHE A 423 23.38 29.32 -19.67
CA PHE A 423 23.86 30.57 -19.08
C PHE A 423 25.27 30.79 -19.60
N VAL A 424 25.60 32.03 -19.92
CA VAL A 424 26.95 32.33 -20.35
C VAL A 424 27.82 32.36 -19.09
N THR A 425 28.84 31.50 -19.04
CA THR A 425 29.74 31.41 -17.89
C THR A 425 31.17 31.29 -18.39
N LEU A 426 32.03 32.21 -17.95
CA LEU A 426 33.41 32.20 -18.44
C LEU A 426 34.37 31.52 -17.49
N ASP A 427 35.51 31.10 -18.05
CA ASP A 427 36.65 30.46 -17.36
C ASP A 427 36.20 29.32 -16.43
N MET A 428 35.31 28.46 -16.92
CA MET A 428 34.77 27.36 -16.11
C MET A 428 35.81 26.31 -15.75
N GLU A 429 36.81 26.13 -16.61
CA GLU A 429 37.87 25.16 -16.36
C GLU A 429 38.67 25.50 -15.09
N ASP A 430 38.75 26.80 -14.77
CA ASP A 430 39.42 27.31 -13.57
C ASP A 430 38.67 26.95 -12.29
N CYS A 431 37.41 26.47 -12.39
CA CYS A 431 36.64 26.08 -11.22
C CYS A 431 37.10 24.71 -10.71
N GLY A 432 37.80 23.99 -11.57
CA GLY A 432 38.34 22.68 -11.23
C GLY A 432 39.55 22.82 -10.33
N TYR A 433 39.62 21.99 -9.28
CA TYR A 433 40.74 22.00 -8.34
C TYR A 433 41.83 21.04 -8.82
N ASN A 434 43.11 21.45 -8.71
CA ASN A 434 44.21 20.58 -9.09
C ASN A 434 44.98 20.13 -7.86
N GLY B 46 -19.95 -2.35 28.33
CA GLY B 46 -21.08 -2.98 27.67
C GLY B 46 -22.14 -2.02 27.12
N SER B 47 -21.82 -0.71 27.15
CA SER B 47 -22.66 0.39 26.64
C SER B 47 -21.78 1.40 25.91
N PHE B 48 -22.03 1.57 24.62
CA PHE B 48 -21.25 2.44 23.73
C PHE B 48 -22.22 3.36 23.02
N VAL B 49 -22.96 4.16 23.81
CA VAL B 49 -24.02 5.06 23.33
C VAL B 49 -23.59 5.95 22.18
N GLU B 50 -22.33 6.43 22.19
CA GLU B 50 -21.82 7.28 21.12
C GLU B 50 -21.88 6.55 19.76
N MET B 51 -21.77 5.20 19.76
CA MET B 51 -21.75 4.43 18.51
C MET B 51 -23.08 3.80 18.15
N VAL B 52 -23.99 3.70 19.11
CA VAL B 52 -25.30 3.14 18.81
C VAL B 52 -26.02 4.00 17.77
N ASP B 53 -26.68 3.35 16.81
CA ASP B 53 -27.47 4.03 15.77
C ASP B 53 -26.60 4.86 14.80
N ASN B 54 -25.33 4.41 14.58
CA ASN B 54 -24.45 5.15 13.65
C ASN B 54 -24.52 4.67 12.20
N LEU B 55 -25.37 3.65 11.90
CA LEU B 55 -25.50 3.17 10.52
C LEU B 55 -26.79 3.64 9.89
N ARG B 56 -26.78 3.74 8.57
CA ARG B 56 -27.97 3.99 7.77
C ARG B 56 -27.92 3.03 6.58
N GLY B 57 -29.06 2.85 5.93
CA GLY B 57 -29.11 2.02 4.74
C GLY B 57 -30.10 0.89 4.85
N LYS B 58 -29.97 -0.08 3.93
CA LYS B 58 -30.89 -1.21 3.84
C LYS B 58 -30.18 -2.37 3.14
N SER B 59 -30.74 -3.57 3.23
CA SER B 59 -30.01 -4.73 2.70
C SER B 59 -29.78 -4.69 1.19
N GLY B 60 -30.72 -4.11 0.43
CA GLY B 60 -30.60 -4.10 -1.04
C GLY B 60 -29.51 -3.19 -1.58
N GLN B 61 -29.19 -2.10 -0.83
CA GLN B 61 -28.22 -1.09 -1.31
C GLN B 61 -27.00 -0.92 -0.43
N GLY B 62 -27.06 -1.46 0.79
CA GLY B 62 -25.94 -1.44 1.72
C GLY B 62 -26.14 -0.57 2.93
N TYR B 63 -25.40 -0.94 4.01
CA TYR B 63 -25.42 -0.19 5.27
C TYR B 63 -24.14 0.59 5.32
N TYR B 64 -24.23 1.85 5.73
CA TYR B 64 -23.03 2.70 5.68
C TYR B 64 -22.86 3.49 6.95
N VAL B 65 -21.61 3.90 7.19
CA VAL B 65 -21.23 4.72 8.35
C VAL B 65 -20.61 6.02 7.83
N GLU B 66 -20.76 7.12 8.58
CA GLU B 66 -20.12 8.38 8.20
C GLU B 66 -18.64 8.33 8.57
N MET B 67 -17.77 8.80 7.66
CA MET B 67 -16.33 8.88 7.97
C MET B 67 -15.81 10.20 7.47
N THR B 68 -14.62 10.58 7.93
CA THR B 68 -13.99 11.75 7.32
C THR B 68 -12.61 11.32 6.86
N VAL B 69 -12.18 11.90 5.73
CA VAL B 69 -10.83 11.63 5.20
CA VAL B 69 -10.88 11.61 5.13
C VAL B 69 -10.15 12.94 4.89
N GLY B 70 -8.86 13.00 5.17
CA GLY B 70 -8.09 14.20 4.81
C GLY B 70 -8.10 15.36 5.76
N SER B 71 -7.30 16.41 5.40
CA SER B 71 -7.16 17.60 6.27
C SER B 71 -7.25 18.82 5.36
N PRO B 72 -8.31 19.64 5.49
CA PRO B 72 -9.41 19.53 6.46
C PRO B 72 -10.28 18.31 6.15
N PRO B 73 -11.08 17.86 7.13
CA PRO B 73 -11.86 16.61 6.92
C PRO B 73 -12.89 16.71 5.81
N GLN B 74 -12.91 15.68 4.93
CA GLN B 74 -13.90 15.57 3.87
C GLN B 74 -14.85 14.48 4.33
N THR B 75 -16.13 14.83 4.52
CA THR B 75 -17.12 13.83 5.00
C THR B 75 -17.60 12.97 3.86
N LEU B 76 -17.61 11.63 4.08
CA LEU B 76 -18.10 10.68 3.07
C LEU B 76 -18.85 9.58 3.79
N ASN B 77 -19.86 9.02 3.14
CA ASN B 77 -20.61 7.87 3.70
C ASN B 77 -19.98 6.62 3.12
N ILE B 78 -19.67 5.66 3.99
CA ILE B 78 -18.89 4.48 3.57
C ILE B 78 -19.63 3.20 3.91
N LEU B 79 -19.85 2.36 2.88
CA LEU B 79 -20.51 1.05 3.06
C LEU B 79 -19.64 0.15 3.92
N VAL B 80 -20.26 -0.52 4.91
CA VAL B 80 -19.55 -1.42 5.82
C VAL B 80 -19.57 -2.82 5.20
N ASP B 81 -18.38 -3.36 4.84
CA ASP B 81 -18.29 -4.65 4.12
C ASP B 81 -17.33 -5.64 4.83
N THR B 82 -17.91 -6.61 5.55
CA THR B 82 -17.05 -7.62 6.15
C THR B 82 -16.62 -8.69 5.13
N GLY B 83 -17.02 -8.53 3.86
CA GLY B 83 -16.67 -9.48 2.81
C GLY B 83 -15.54 -9.04 1.90
N SER B 84 -14.80 -7.97 2.27
CA SER B 84 -13.63 -7.53 1.48
C SER B 84 -12.67 -6.83 2.41
N SER B 85 -11.49 -6.41 1.90
CA SER B 85 -10.47 -5.85 2.81
C SER B 85 -9.82 -4.57 2.32
N ASN B 86 -10.39 -3.94 1.30
CA ASN B 86 -9.88 -2.66 0.80
C ASN B 86 -10.82 -1.53 1.27
N PHE B 87 -10.21 -0.43 1.71
CA PHE B 87 -10.92 0.82 1.98
C PHE B 87 -10.75 1.67 0.70
N ALA B 88 -11.87 2.04 0.10
CA ALA B 88 -11.84 2.78 -1.16
C ALA B 88 -12.95 3.78 -1.21
N VAL B 89 -12.68 4.89 -1.89
CA VAL B 89 -13.66 5.97 -1.99
C VAL B 89 -13.73 6.53 -3.40
N GLY B 90 -14.93 6.92 -3.85
CA GLY B 90 -15.04 7.63 -5.14
C GLY B 90 -14.13 8.83 -5.06
N ALA B 91 -13.33 9.09 -6.15
CA ALA B 91 -12.35 10.19 -6.15
C ALA B 91 -12.37 10.95 -7.47
N ALA B 92 -13.43 10.73 -8.24
CA ALA B 92 -13.62 11.41 -9.54
C ALA B 92 -15.13 11.44 -9.80
N PRO B 93 -15.61 12.43 -10.56
CA PRO B 93 -17.06 12.52 -10.81
C PRO B 93 -17.67 11.25 -11.34
N HIS B 94 -18.91 10.96 -10.90
CA HIS B 94 -19.65 9.80 -11.37
C HIS B 94 -21.11 10.18 -11.34
N PRO B 95 -21.95 9.72 -12.31
CA PRO B 95 -23.38 10.09 -12.25
C PRO B 95 -24.09 9.79 -10.93
N PHE B 96 -23.64 8.75 -10.21
CA PHE B 96 -24.30 8.39 -8.95
C PHE B 96 -23.62 8.95 -7.70
N LEU B 97 -22.58 9.78 -7.83
CA LEU B 97 -21.92 10.36 -6.64
C LEU B 97 -22.26 11.84 -6.53
N HIS B 98 -22.70 12.28 -5.34
CA HIS B 98 -22.98 13.69 -5.08
C HIS B 98 -21.72 14.35 -4.52
N ARG B 99 -20.78 13.52 -4.00
CA ARG B 99 -19.51 14.01 -3.48
C ARG B 99 -18.46 12.95 -3.64
N TYR B 100 -17.18 13.38 -3.57
CA TYR B 100 -16.09 12.44 -3.75
C TYR B 100 -14.85 12.98 -3.10
N TYR B 101 -13.88 12.11 -2.84
CA TYR B 101 -12.63 12.48 -2.19
C TYR B 101 -11.76 13.30 -3.16
N GLN B 102 -11.35 14.50 -2.71
CA GLN B 102 -10.50 15.43 -3.47
C GLN B 102 -9.10 15.44 -2.85
N ARG B 103 -8.22 14.61 -3.41
CA ARG B 103 -6.87 14.43 -2.85
C ARG B 103 -6.07 15.71 -2.87
N GLN B 104 -6.22 16.53 -3.93
CA GLN B 104 -5.48 17.81 -4.04
C GLN B 104 -5.86 18.80 -2.93
N LEU B 105 -7.02 18.58 -2.22
CA LEU B 105 -7.46 19.48 -1.14
C LEU B 105 -7.06 19.00 0.23
N SER B 106 -6.36 17.84 0.30
CA SER B 106 -5.94 17.31 1.59
C SER B 106 -4.46 17.50 1.79
N SER B 107 -4.09 18.22 2.86
CA SER B 107 -2.67 18.46 3.15
C SER B 107 -1.93 17.23 3.66
N THR B 108 -2.70 16.20 4.09
CA THR B 108 -2.12 15.00 4.68
C THR B 108 -2.13 13.83 3.71
N TYR B 109 -2.61 14.05 2.49
CA TYR B 109 -2.60 13.04 1.45
C TYR B 109 -1.13 12.62 1.10
N ARG B 110 -0.93 11.31 0.98
CA ARG B 110 0.34 10.72 0.54
C ARG B 110 0.04 9.80 -0.62
N ASP B 111 0.74 10.02 -1.74
CA ASP B 111 0.55 9.23 -2.96
C ASP B 111 1.45 7.99 -2.89
N LEU B 112 0.86 6.79 -3.01
CA LEU B 112 1.65 5.55 -3.03
C LEU B 112 2.11 5.21 -4.45
N ARG B 113 1.72 6.02 -5.47
CA ARG B 113 2.16 5.84 -6.87
CA ARG B 113 2.11 5.86 -6.89
C ARG B 113 1.89 4.42 -7.39
N LYS B 114 0.72 3.86 -7.10
CA LYS B 114 0.44 2.48 -7.51
C LYS B 114 -1.05 2.35 -7.74
N GLY B 115 -1.41 1.63 -8.80
CA GLY B 115 -2.80 1.36 -9.13
C GLY B 115 -3.32 0.12 -8.41
N VAL B 116 -4.66 -0.02 -8.38
CA VAL B 116 -5.30 -1.16 -7.74
C VAL B 116 -6.60 -1.42 -8.47
N TYR B 117 -6.92 -2.70 -8.67
CA TYR B 117 -8.15 -3.12 -9.33
C TYR B 117 -8.84 -4.11 -8.38
N VAL B 118 -10.12 -3.86 -8.09
CA VAL B 118 -10.87 -4.73 -7.19
C VAL B 118 -12.18 -5.20 -7.86
N PRO B 119 -12.29 -6.54 -8.08
CA PRO B 119 -13.52 -7.10 -8.63
C PRO B 119 -14.38 -7.70 -7.50
N TYR B 120 -15.70 -7.57 -7.62
CA TYR B 120 -16.59 -8.15 -6.59
C TYR B 120 -17.54 -9.09 -7.31
N THR B 121 -18.57 -9.62 -6.61
CA THR B 121 -19.52 -10.51 -7.29
C THR B 121 -20.26 -9.67 -8.29
N GLN B 122 -20.73 -8.54 -7.77
CA GLN B 122 -21.47 -7.46 -8.36
C GLN B 122 -20.53 -6.28 -8.27
N GLY B 123 -20.10 -5.81 -9.43
CA GLY B 123 -19.29 -4.62 -9.59
C GLY B 123 -17.79 -4.79 -9.52
N LYS B 124 -17.09 -3.74 -9.96
CA LYS B 124 -15.64 -3.70 -9.93
C LYS B 124 -15.21 -2.24 -10.01
N TRP B 125 -14.01 -1.97 -9.57
CA TRP B 125 -13.49 -0.60 -9.73
C TRP B 125 -11.99 -0.61 -9.88
N GLU B 126 -11.47 0.49 -10.41
CA GLU B 126 -10.02 0.73 -10.59
C GLU B 126 -9.69 1.97 -9.79
N GLY B 127 -8.53 1.95 -9.15
CA GLY B 127 -8.15 3.10 -8.35
C GLY B 127 -6.68 3.35 -8.21
N GLU B 128 -6.38 4.41 -7.47
CA GLU B 128 -5.01 4.86 -7.19
C GLU B 128 -4.81 4.81 -5.71
N LEU B 129 -3.74 4.14 -5.29
CA LEU B 129 -3.47 3.98 -3.87
C LEU B 129 -2.78 5.20 -3.25
N GLY B 130 -3.14 5.45 -2.02
CA GLY B 130 -2.55 6.51 -1.24
C GLY B 130 -2.86 6.30 0.22
N THR B 131 -2.38 7.20 1.07
CA THR B 131 -2.75 7.13 2.49
C THR B 131 -3.24 8.52 2.90
N ASP B 132 -4.03 8.57 3.96
CA ASP B 132 -4.52 9.84 4.50
C ASP B 132 -5.05 9.62 5.90
N LEU B 133 -5.24 10.71 6.64
CA LEU B 133 -5.82 10.61 7.98
C LEU B 133 -7.35 10.38 7.88
N VAL B 134 -7.86 9.48 8.71
CA VAL B 134 -9.26 9.10 8.65
C VAL B 134 -9.84 9.12 10.08
N SER B 135 -11.09 9.57 10.20
CA SER B 135 -11.81 9.54 11.49
C SER B 135 -13.21 9.01 11.26
N ILE B 136 -13.86 8.56 12.33
CA ILE B 136 -15.25 8.08 12.31
C ILE B 136 -16.01 8.96 13.32
N PRO B 137 -16.76 9.99 12.84
CA PRO B 137 -17.42 10.92 13.78
C PRO B 137 -18.26 10.24 14.86
N HIS B 138 -19.02 9.21 14.50
CA HIS B 138 -19.82 8.46 15.50
C HIS B 138 -19.16 7.11 15.76
N GLY B 139 -17.86 7.16 16.01
CA GLY B 139 -17.06 5.99 16.30
C GLY B 139 -16.15 6.33 17.45
N PRO B 140 -15.03 5.63 17.60
CA PRO B 140 -14.08 6.00 18.66
C PRO B 140 -13.46 7.35 18.33
N ASN B 141 -13.08 8.11 19.35
CA ASN B 141 -12.52 9.45 19.25
C ASN B 141 -11.04 9.32 18.92
N VAL B 142 -10.75 8.86 17.70
CA VAL B 142 -9.36 8.65 17.27
C VAL B 142 -9.22 9.06 15.79
N THR B 143 -7.97 9.24 15.35
CA THR B 143 -7.65 9.55 13.97
C THR B 143 -6.54 8.62 13.58
N VAL B 144 -6.68 7.97 12.43
CA VAL B 144 -5.61 7.04 12.04
C VAL B 144 -5.16 7.32 10.62
N ARG B 145 -3.91 6.96 10.31
CA ARG B 145 -3.44 7.08 8.94
C ARG B 145 -3.70 5.69 8.33
N ALA B 146 -4.48 5.65 7.25
CA ALA B 146 -4.91 4.42 6.60
C ALA B 146 -4.69 4.45 5.13
N ASN B 147 -4.53 3.26 4.53
CA ASN B 147 -4.47 3.12 3.09
C ASN B 147 -5.85 3.47 2.51
N ILE B 148 -5.89 4.17 1.38
CA ILE B 148 -7.13 4.53 0.72
C ILE B 148 -6.95 4.36 -0.77
N ALA B 149 -7.85 3.61 -1.39
CA ALA B 149 -7.86 3.53 -2.84
C ALA B 149 -8.83 4.58 -3.36
N ALA B 150 -8.30 5.54 -4.11
CA ALA B 150 -9.07 6.60 -4.74
C ALA B 150 -9.64 6.05 -6.03
N ILE B 151 -10.95 5.77 -6.05
CA ILE B 151 -11.59 5.17 -7.23
C ILE B 151 -11.70 6.15 -8.39
N THR B 152 -11.11 5.78 -9.54
CA THR B 152 -11.13 6.65 -10.73
C THR B 152 -11.98 6.12 -11.86
N GLU B 153 -12.22 4.81 -11.88
CA GLU B 153 -13.07 4.17 -12.90
C GLU B 153 -13.84 3.05 -12.22
N SER B 154 -15.09 2.80 -12.67
CA SER B 154 -15.86 1.73 -12.02
C SER B 154 -16.90 1.17 -12.95
N ASP B 155 -17.45 0.01 -12.60
CA ASP B 155 -18.45 -0.63 -13.46
C ASP B 155 -19.44 -1.32 -12.57
N LYS B 156 -20.68 -0.80 -12.52
CA LYS B 156 -21.79 -1.38 -11.71
C LYS B 156 -21.39 -1.52 -10.24
N PHE B 157 -20.64 -0.52 -9.73
CA PHE B 157 -20.22 -0.52 -8.32
C PHE B 157 -21.09 0.44 -7.49
N PHE B 158 -21.01 1.74 -7.81
CA PHE B 158 -21.86 2.75 -7.19
C PHE B 158 -23.32 2.50 -7.56
N ILE B 159 -24.20 2.81 -6.60
CA ILE B 159 -25.63 2.58 -6.73
C ILE B 159 -26.37 3.90 -6.65
N ASN B 160 -27.24 4.15 -7.64
CA ASN B 160 -28.03 5.37 -7.71
C ASN B 160 -28.93 5.48 -6.47
N GLY B 161 -28.77 6.59 -5.73
CA GLY B 161 -29.56 6.92 -4.53
C GLY B 161 -29.22 6.13 -3.28
N SER B 162 -28.07 5.43 -3.26
CA SER B 162 -27.69 4.62 -2.10
C SER B 162 -27.16 5.45 -0.91
N ASN B 163 -26.75 6.72 -1.20
CA ASN B 163 -26.18 7.70 -0.28
CA ASN B 163 -26.22 7.61 -0.16
C ASN B 163 -24.77 7.30 0.24
N TRP B 164 -24.13 6.28 -0.39
CA TRP B 164 -22.74 6.01 0.00
C TRP B 164 -21.78 6.30 -1.16
N GLU B 165 -20.56 6.64 -0.80
CA GLU B 165 -19.52 7.04 -1.77
C GLU B 165 -18.26 6.21 -1.70
N GLY B 166 -18.20 5.26 -0.78
CA GLY B 166 -17.00 4.43 -0.66
C GLY B 166 -17.34 3.15 0.07
N ILE B 167 -16.32 2.32 0.32
CA ILE B 167 -16.49 1.01 0.93
C ILE B 167 -15.39 0.77 1.91
N LEU B 168 -15.76 0.17 3.08
CA LEU B 168 -14.83 -0.16 4.14
C LEU B 168 -14.74 -1.68 4.25
N GLY B 169 -13.68 -2.24 3.70
CA GLY B 169 -13.46 -3.67 3.74
C GLY B 169 -12.90 -4.00 5.12
N LEU B 170 -13.70 -4.74 5.91
CA LEU B 170 -13.33 -5.08 7.30
C LEU B 170 -12.69 -6.44 7.47
N ALA B 171 -12.48 -7.18 6.39
CA ALA B 171 -11.88 -8.51 6.51
C ALA B 171 -10.34 -8.40 6.54
N TYR B 172 -9.66 -9.53 6.41
CA TYR B 172 -8.21 -9.60 6.64
C TYR B 172 -7.33 -9.30 5.44
N ALA B 173 -6.05 -9.01 5.70
CA ALA B 173 -5.06 -8.68 4.67
C ALA B 173 -4.90 -9.72 3.58
N GLU B 174 -5.09 -11.03 3.93
CA GLU B 174 -4.94 -12.11 2.96
CA GLU B 174 -4.93 -12.09 2.95
C GLU B 174 -5.69 -11.82 1.65
N ILE B 175 -6.91 -11.20 1.74
CA ILE B 175 -7.67 -10.97 0.51
C ILE B 175 -7.62 -9.51 0.00
N ALA B 176 -6.74 -8.66 0.60
CA ALA B 176 -6.59 -7.29 0.12
C ALA B 176 -5.98 -7.27 -1.30
N ARG B 177 -6.37 -6.28 -2.09
CA ARG B 177 -5.78 -6.09 -3.43
C ARG B 177 -4.85 -4.87 -3.30
N PRO B 178 -3.72 -4.81 -4.01
CA PRO B 178 -3.16 -5.81 -4.96
C PRO B 178 -2.67 -7.08 -4.26
N ASP B 179 -2.24 -6.96 -2.99
CA ASP B 179 -1.78 -8.09 -2.19
C ASP B 179 -1.87 -7.83 -0.68
N ASP B 180 -1.44 -8.83 0.15
CA ASP B 180 -1.51 -8.75 1.61
C ASP B 180 -0.57 -7.74 2.25
N SER B 181 0.27 -7.03 1.44
CA SER B 181 1.09 -6.01 2.05
C SER B 181 0.26 -4.72 2.26
N LEU B 182 -0.95 -4.65 1.65
CA LEU B 182 -1.78 -3.45 1.83
C LEU B 182 -2.60 -3.58 3.10
N GLU B 183 -2.11 -2.98 4.20
CA GLU B 183 -2.75 -3.10 5.49
C GLU B 183 -4.20 -2.64 5.47
N PRO B 184 -5.18 -3.49 5.87
CA PRO B 184 -6.59 -3.05 5.84
C PRO B 184 -6.87 -2.01 6.95
N PHE B 185 -7.96 -1.25 6.82
CA PHE B 185 -8.28 -0.19 7.74
C PHE B 185 -8.32 -0.64 9.21
N PHE B 186 -9.05 -1.73 9.50
CA PHE B 186 -9.20 -2.14 10.90
C PHE B 186 -7.88 -2.53 11.55
N ASP B 187 -6.96 -3.13 10.75
CA ASP B 187 -5.62 -3.48 11.22
C ASP B 187 -4.87 -2.17 11.56
N SER B 188 -4.97 -1.14 10.71
CA SER B 188 -4.31 0.17 11.04
C SER B 188 -4.91 0.76 12.27
N LEU B 189 -6.25 0.73 12.40
CA LEU B 189 -6.94 1.29 13.53
C LEU B 189 -6.42 0.65 14.85
N VAL B 190 -6.34 -0.66 14.89
CA VAL B 190 -5.90 -1.37 16.11
C VAL B 190 -4.43 -1.09 16.41
N LYS B 191 -3.59 -1.10 15.37
CA LYS B 191 -2.15 -0.86 15.57
C LYS B 191 -1.83 0.52 16.09
N GLN B 192 -2.56 1.53 15.60
CA GLN B 192 -2.30 2.93 15.93
C GLN B 192 -2.98 3.45 17.17
N THR B 193 -3.93 2.70 17.74
CA THR B 193 -4.71 3.21 18.88
C THR B 193 -4.85 2.14 19.95
N HIS B 194 -5.60 2.43 21.01
CA HIS B 194 -5.86 1.44 22.04
C HIS B 194 -7.25 0.78 21.83
N VAL B 195 -7.83 0.92 20.62
CA VAL B 195 -9.14 0.31 20.32
C VAL B 195 -9.01 -1.21 20.38
N PRO B 196 -9.87 -1.93 21.17
CA PRO B 196 -9.78 -3.40 21.20
C PRO B 196 -10.03 -4.00 19.81
N ASN B 197 -9.41 -5.15 19.56
CA ASN B 197 -9.45 -5.84 18.27
C ASN B 197 -10.76 -6.63 18.12
N LEU B 198 -11.87 -5.87 18.00
CA LEU B 198 -13.21 -6.44 17.89
C LEU B 198 -14.16 -5.37 17.40
N PHE B 199 -15.18 -5.77 16.65
CA PHE B 199 -16.25 -4.86 16.29
C PHE B 199 -17.52 -5.70 16.22
N SER B 200 -18.65 -5.05 16.35
CA SER B 200 -19.92 -5.76 16.27
C SER B 200 -20.88 -4.99 15.40
N LEU B 201 -21.76 -5.72 14.71
CA LEU B 201 -22.74 -5.15 13.81
C LEU B 201 -24.17 -5.54 14.13
N GLN B 202 -25.04 -4.53 14.17
CA GLN B 202 -26.49 -4.73 14.29
C GLN B 202 -27.08 -4.03 13.06
N LEU B 203 -27.44 -4.81 12.03
CA LEU B 203 -28.03 -4.27 10.79
C LEU B 203 -29.53 -4.38 10.98
N CYS B 204 -30.23 -3.28 10.83
CA CYS B 204 -31.66 -3.22 11.09
C CYS B 204 -32.49 -3.09 9.84
N GLY B 205 -33.16 -4.18 9.45
CA GLY B 205 -34.09 -4.15 8.33
C GLY B 205 -35.40 -3.59 8.82
N ALA B 206 -36.03 -2.70 8.04
CA ALA B 206 -37.28 -2.08 8.47
C ALA B 206 -38.47 -3.04 8.38
N GLY B 207 -38.42 -3.99 7.46
CA GLY B 207 -39.55 -4.91 7.22
C GLY B 207 -40.52 -4.35 6.18
N PHE B 208 -40.20 -3.17 5.62
CA PHE B 208 -40.98 -2.51 4.59
C PHE B 208 -40.05 -1.64 3.75
N PRO B 209 -40.46 -1.22 2.53
CA PRO B 209 -39.53 -0.44 1.71
C PRO B 209 -39.27 0.98 2.22
N LEU B 210 -38.09 1.47 1.88
CA LEU B 210 -37.63 2.82 2.23
C LEU B 210 -37.14 3.48 0.96
N ASN B 211 -37.57 4.70 0.73
CA ASN B 211 -37.03 5.45 -0.40
C ASN B 211 -35.77 6.18 0.10
N GLN B 212 -35.02 6.87 -0.80
CA GLN B 212 -33.79 7.59 -0.43
C GLN B 212 -33.98 8.56 0.75
N SER B 213 -35.12 9.30 0.77
CA SER B 213 -35.46 10.27 1.84
C SER B 213 -35.67 9.58 3.19
N GLU B 214 -36.37 8.45 3.18
CA GLU B 214 -36.65 7.64 4.37
C GLU B 214 -35.34 7.03 4.89
N VAL B 215 -34.46 6.51 4.00
CA VAL B 215 -33.14 6.00 4.41
C VAL B 215 -32.34 7.07 5.11
N LEU B 216 -32.28 8.29 4.53
CA LEU B 216 -31.53 9.38 5.13
C LEU B 216 -32.00 9.73 6.54
N ALA B 217 -33.31 9.69 6.77
CA ALA B 217 -33.91 10.07 8.04
C ALA B 217 -34.05 8.93 9.06
N SER B 218 -33.81 7.67 8.62
CA SER B 218 -33.94 6.49 9.48
CA SER B 218 -33.96 6.49 9.46
C SER B 218 -32.61 5.95 9.95
N VAL B 219 -32.64 5.32 11.12
CA VAL B 219 -31.46 4.64 11.70
C VAL B 219 -31.47 3.24 11.08
N GLY B 220 -30.34 2.84 10.51
CA GLY B 220 -30.22 1.51 9.91
C GLY B 220 -29.49 0.48 10.75
N GLY B 221 -28.97 0.87 11.89
CA GLY B 221 -28.24 -0.07 12.74
C GLY B 221 -27.06 0.53 13.46
N SER B 222 -26.20 -0.33 13.98
CA SER B 222 -25.05 0.10 14.77
C SER B 222 -23.83 -0.70 14.40
N MET B 223 -22.69 -0.01 14.33
CA MET B 223 -21.40 -0.65 14.22
C MET B 223 -20.66 -0.20 15.47
N ILE B 224 -20.47 -1.13 16.42
CA ILE B 224 -19.77 -0.82 17.66
C ILE B 224 -18.32 -1.22 17.45
N ILE B 225 -17.44 -0.22 17.38
CA ILE B 225 -16.01 -0.42 17.13
C ILE B 225 -15.30 -0.56 18.47
N GLY B 226 -14.70 -1.73 18.69
CA GLY B 226 -13.97 -2.07 19.91
C GLY B 226 -14.78 -2.67 21.03
N GLY B 227 -16.01 -3.10 20.77
CA GLY B 227 -16.80 -3.65 21.87
C GLY B 227 -18.15 -4.20 21.47
N ILE B 228 -18.93 -4.56 22.49
CA ILE B 228 -20.26 -5.17 22.39
C ILE B 228 -21.22 -4.31 23.20
N ASP B 229 -22.37 -3.94 22.63
CA ASP B 229 -23.34 -3.15 23.38
C ASP B 229 -24.51 -4.07 23.72
N HIS B 230 -24.76 -4.27 25.02
CA HIS B 230 -25.80 -5.19 25.48
C HIS B 230 -27.23 -4.82 25.08
N SER B 231 -27.48 -3.56 24.74
CA SER B 231 -28.83 -3.10 24.35
C SER B 231 -29.27 -3.60 22.96
N LEU B 232 -28.31 -4.12 22.18
CA LEU B 232 -28.56 -4.48 20.78
C LEU B 232 -29.03 -5.90 20.59
N TYR B 233 -29.05 -6.70 21.66
CA TYR B 233 -29.47 -8.09 21.50
C TYR B 233 -30.23 -8.58 22.71
N THR B 234 -30.91 -9.72 22.52
CA THR B 234 -31.60 -10.39 23.62
C THR B 234 -31.04 -11.81 23.70
N GLY B 235 -31.18 -12.41 24.89
CA GLY B 235 -30.69 -13.76 25.11
C GLY B 235 -29.19 -13.83 25.12
N SER B 236 -28.67 -15.00 24.81
CA SER B 236 -27.23 -15.23 24.87
C SER B 236 -26.51 -15.10 23.56
N LEU B 237 -25.20 -14.78 23.64
CA LEU B 237 -24.31 -14.77 22.48
C LEU B 237 -23.68 -16.13 22.35
N TRP B 238 -23.75 -16.74 21.17
CA TRP B 238 -23.13 -18.02 20.88
C TRP B 238 -22.02 -17.78 19.86
N TYR B 239 -20.87 -18.40 20.06
CA TYR B 239 -19.72 -18.16 19.20
C TYR B 239 -19.34 -19.34 18.37
N THR B 240 -18.95 -19.05 17.11
CA THR B 240 -18.45 -20.04 16.17
C THR B 240 -16.98 -19.65 15.84
N PRO B 241 -16.03 -20.58 15.74
CA PRO B 241 -14.65 -20.15 15.41
C PRO B 241 -14.51 -19.58 14.00
N ILE B 242 -13.60 -18.61 13.85
CA ILE B 242 -13.21 -18.14 12.53
C ILE B 242 -12.25 -19.24 12.07
N ARG B 243 -12.58 -19.93 11.00
CA ARG B 243 -11.78 -21.09 10.56
C ARG B 243 -10.36 -20.67 10.11
N ARG B 244 -10.28 -19.56 9.34
CA ARG B 244 -9.04 -19.03 8.78
C ARG B 244 -9.31 -17.53 8.64
N GLU B 245 -8.28 -16.72 8.93
CA GLU B 245 -8.40 -15.28 8.85
C GLU B 245 -8.08 -14.76 7.44
N TRP B 246 -9.12 -14.68 6.57
CA TRP B 246 -9.01 -14.12 5.22
C TRP B 246 -10.32 -13.40 5.01
N TYR B 247 -11.35 -14.14 4.64
CA TYR B 247 -12.73 -13.69 4.80
C TYR B 247 -13.04 -14.03 6.27
N TYR B 248 -14.27 -13.69 6.76
CA TYR B 248 -14.68 -14.17 8.08
C TYR B 248 -15.30 -15.54 7.82
N GLU B 249 -14.43 -16.57 7.70
CA GLU B 249 -14.86 -17.91 7.32
C GLU B 249 -15.35 -18.71 8.50
N VAL B 250 -16.51 -19.38 8.31
CA VAL B 250 -17.11 -20.21 9.36
C VAL B 250 -17.45 -21.56 8.78
N ILE B 251 -17.91 -22.47 9.65
CA ILE B 251 -18.31 -23.80 9.21
CA ILE B 251 -18.31 -23.82 9.26
C ILE B 251 -19.76 -24.09 9.61
N ILE B 252 -20.58 -24.41 8.57
CA ILE B 252 -21.99 -24.79 8.75
C ILE B 252 -22.02 -26.31 8.81
N VAL B 253 -22.73 -26.88 9.82
CA VAL B 253 -22.69 -28.33 10.01
C VAL B 253 -24.02 -29.04 9.77
N ARG B 254 -25.11 -28.26 9.63
CA ARG B 254 -26.43 -28.86 9.41
C ARG B 254 -27.32 -27.71 8.95
N VAL B 255 -28.28 -28.01 8.07
CA VAL B 255 -29.24 -27.02 7.59
C VAL B 255 -30.63 -27.65 7.72
N GLU B 256 -31.60 -26.90 8.26
CA GLU B 256 -32.98 -27.37 8.37
C GLU B 256 -33.91 -26.35 7.75
N ILE B 257 -34.99 -26.85 7.15
CA ILE B 257 -36.05 -25.98 6.63
C ILE B 257 -37.30 -26.41 7.42
N ASN B 258 -37.85 -25.54 8.32
CA ASN B 258 -38.97 -25.92 9.20
C ASN B 258 -38.68 -27.24 9.99
N GLY B 259 -37.46 -27.33 10.51
CA GLY B 259 -36.99 -28.49 11.27
C GLY B 259 -36.64 -29.72 10.45
N GLN B 260 -36.89 -29.70 9.12
CA GLN B 260 -36.56 -30.84 8.28
C GLN B 260 -35.12 -30.70 7.77
N ASP B 261 -34.28 -31.71 8.10
CA ASP B 261 -32.88 -31.72 7.71
C ASP B 261 -32.77 -31.76 6.17
N LEU B 262 -31.95 -30.86 5.59
CA LEU B 262 -31.75 -30.85 4.14
CA LEU B 262 -31.70 -30.85 4.13
C LEU B 262 -31.00 -32.13 3.72
N LYS B 263 -30.32 -32.77 4.68
CA LYS B 263 -29.67 -34.07 4.58
C LYS B 263 -28.58 -34.19 3.51
N MET B 264 -27.80 -33.15 3.37
CA MET B 264 -26.68 -33.21 2.45
C MET B 264 -25.43 -33.47 3.22
N ASP B 265 -24.36 -33.99 2.56
CA ASP B 265 -23.08 -34.13 3.27
C ASP B 265 -22.69 -32.70 3.66
N CYS B 266 -22.26 -32.47 4.92
CA CYS B 266 -22.01 -31.09 5.38
C CYS B 266 -20.90 -30.38 4.60
N LYS B 267 -20.03 -31.11 3.88
CA LYS B 267 -19.04 -30.42 3.05
C LYS B 267 -19.72 -29.60 1.98
N GLU B 268 -20.91 -30.03 1.52
CA GLU B 268 -21.64 -29.29 0.49
C GLU B 268 -22.00 -27.88 0.94
N TYR B 269 -22.32 -27.72 2.24
CA TYR B 269 -22.72 -26.41 2.77
C TYR B 269 -21.57 -25.40 2.80
N ASN B 270 -20.34 -25.92 2.81
CA ASN B 270 -19.14 -25.07 2.91
C ASN B 270 -18.26 -25.20 1.66
N TYR B 271 -18.87 -25.51 0.54
CA TYR B 271 -18.12 -25.70 -0.71
C TYR B 271 -18.18 -24.40 -1.53
N ASP B 272 -17.06 -23.66 -1.73
CA ASP B 272 -15.71 -23.95 -1.24
C ASP B 272 -15.35 -23.25 0.04
N LYS B 273 -16.30 -22.46 0.59
CA LYS B 273 -16.13 -21.77 1.88
C LYS B 273 -17.52 -21.27 2.33
N SER B 274 -17.67 -20.90 3.60
CA SER B 274 -18.86 -20.22 4.09
C SER B 274 -18.37 -18.94 4.77
N ILE B 275 -18.95 -17.78 4.45
CA ILE B 275 -18.44 -16.52 5.05
C ILE B 275 -19.59 -15.68 5.62
N VAL B 276 -19.25 -14.76 6.52
CA VAL B 276 -20.21 -13.80 7.08
C VAL B 276 -19.90 -12.48 6.39
N ASP B 277 -20.87 -11.97 5.61
CA ASP B 277 -20.61 -10.83 4.71
C ASP B 277 -21.68 -9.74 4.72
N SER B 278 -21.40 -8.62 5.43
CA SER B 278 -22.33 -7.49 5.49
C SER B 278 -22.48 -6.75 4.15
N GLY B 279 -21.55 -6.98 3.23
CA GLY B 279 -21.52 -6.29 1.94
C GLY B 279 -22.22 -7.01 0.81
N THR B 280 -22.91 -8.15 1.15
CA THR B 280 -23.68 -8.93 0.19
C THR B 280 -25.15 -8.87 0.64
N THR B 281 -26.10 -8.66 -0.29
CA THR B 281 -27.49 -8.58 0.18
C THR B 281 -28.04 -9.94 0.63
N ASN B 282 -27.90 -10.93 -0.22
CA ASN B 282 -28.59 -12.21 -0.02
C ASN B 282 -27.92 -13.21 0.84
N LEU B 283 -28.70 -14.27 1.19
CA LEU B 283 -28.12 -15.51 1.69
C LEU B 283 -27.77 -16.22 0.36
N ARG B 284 -26.49 -16.45 0.09
CA ARG B 284 -26.09 -17.13 -1.16
C ARG B 284 -25.64 -18.51 -0.82
N LEU B 285 -26.11 -19.50 -1.59
CA LEU B 285 -25.82 -20.90 -1.28
C LEU B 285 -25.16 -21.58 -2.46
N PRO B 286 -24.22 -22.51 -2.19
CA PRO B 286 -23.59 -23.31 -3.28
C PRO B 286 -24.67 -23.95 -4.16
N LYS B 287 -24.46 -24.02 -5.49
CA LYS B 287 -25.45 -24.56 -6.43
C LYS B 287 -26.26 -25.77 -5.91
N LYS B 288 -25.58 -26.85 -5.47
CA LYS B 288 -26.31 -28.06 -5.04
C LYS B 288 -27.20 -27.81 -3.83
N VAL B 289 -26.70 -27.02 -2.88
CA VAL B 289 -27.45 -26.65 -1.67
C VAL B 289 -28.62 -25.71 -2.05
N PHE B 290 -28.36 -24.73 -2.93
CA PHE B 290 -29.42 -23.83 -3.36
C PHE B 290 -30.59 -24.62 -3.99
N GLU B 291 -30.28 -25.59 -4.88
CA GLU B 291 -31.33 -26.36 -5.54
C GLU B 291 -32.13 -27.16 -4.51
N ALA B 292 -31.47 -27.77 -3.52
CA ALA B 292 -32.17 -28.57 -2.49
C ALA B 292 -33.01 -27.67 -1.58
N ALA B 293 -32.46 -26.51 -1.19
CA ALA B 293 -33.18 -25.56 -0.32
C ALA B 293 -34.40 -25.00 -1.02
N VAL B 294 -34.26 -24.57 -2.30
CA VAL B 294 -35.43 -24.06 -3.01
C VAL B 294 -36.52 -25.13 -3.12
N LYS B 295 -36.15 -26.40 -3.42
CA LYS B 295 -37.15 -27.48 -3.51
CA LYS B 295 -37.16 -27.46 -3.52
C LYS B 295 -37.89 -27.58 -2.18
N SER B 296 -37.15 -27.52 -1.07
CA SER B 296 -37.75 -27.64 0.27
CA SER B 296 -37.74 -27.63 0.28
C SER B 296 -38.63 -26.43 0.62
N ILE B 297 -38.17 -25.21 0.29
CA ILE B 297 -38.97 -24.01 0.57
C ILE B 297 -40.24 -24.00 -0.27
N LYS B 298 -40.14 -24.42 -1.54
CA LYS B 298 -41.33 -24.51 -2.39
C LYS B 298 -42.31 -25.50 -1.80
N ALA B 299 -41.82 -26.66 -1.35
CA ALA B 299 -42.70 -27.71 -0.79
C ALA B 299 -43.42 -27.18 0.47
N ALA B 300 -42.69 -26.47 1.32
CA ALA B 300 -43.28 -25.95 2.56
C ALA B 300 -44.29 -24.85 2.30
N SER B 301 -44.10 -24.06 1.22
CA SER B 301 -44.99 -22.93 0.91
C SER B 301 -46.01 -23.28 -0.19
N SER B 302 -46.19 -24.57 -0.48
CA SER B 302 -46.96 -25.04 -1.63
C SER B 302 -48.44 -24.66 -1.64
N THR B 303 -49.00 -24.10 -0.54
CA THR B 303 -50.40 -23.65 -0.60
C THR B 303 -50.56 -22.44 -1.54
N GLU B 304 -49.43 -21.76 -1.87
CA GLU B 304 -49.42 -20.66 -2.84
CA GLU B 304 -49.43 -20.66 -2.85
C GLU B 304 -48.35 -20.96 -3.88
N LYS B 305 -48.64 -20.66 -5.14
CA LYS B 305 -47.69 -20.93 -6.22
C LYS B 305 -47.14 -19.62 -6.73
N PHE B 306 -45.81 -19.58 -6.90
CA PHE B 306 -45.11 -18.38 -7.34
C PHE B 306 -44.40 -18.66 -8.65
N PRO B 307 -44.24 -17.62 -9.50
CA PRO B 307 -43.55 -17.81 -10.79
C PRO B 307 -42.08 -18.16 -10.62
N ASP B 308 -41.48 -18.82 -11.63
CA ASP B 308 -40.07 -19.18 -11.59
C ASP B 308 -39.18 -17.95 -11.30
N GLY B 309 -39.53 -16.80 -11.88
CA GLY B 309 -38.79 -15.55 -11.68
C GLY B 309 -38.69 -15.14 -10.22
N PHE B 310 -39.72 -15.52 -9.41
CA PHE B 310 -39.68 -15.18 -7.97
C PHE B 310 -38.55 -15.99 -7.31
N TRP B 311 -38.53 -17.31 -7.56
CA TRP B 311 -37.53 -18.20 -6.96
C TRP B 311 -36.12 -17.92 -7.48
N LEU B 312 -35.98 -17.27 -8.66
CA LEU B 312 -34.68 -16.88 -9.20
C LEU B 312 -34.22 -15.52 -8.63
N GLY B 313 -35.04 -14.93 -7.77
CA GLY B 313 -34.78 -13.69 -7.08
C GLY B 313 -34.85 -12.45 -7.94
N GLU B 314 -35.47 -12.56 -9.13
CA GLU B 314 -35.59 -11.51 -10.14
C GLU B 314 -36.91 -10.77 -10.09
N GLN B 315 -38.00 -11.47 -9.74
CA GLN B 315 -39.35 -10.95 -9.79
C GLN B 315 -39.93 -10.75 -8.41
N LEU B 316 -40.64 -9.66 -8.23
CA LEU B 316 -41.29 -9.46 -6.93
C LEU B 316 -42.62 -10.21 -6.85
N VAL B 317 -43.08 -10.44 -5.61
CA VAL B 317 -44.41 -10.99 -5.35
CA VAL B 317 -44.39 -11.01 -5.31
C VAL B 317 -45.08 -9.98 -4.43
N CYS B 318 -46.38 -9.72 -4.64
CA CYS B 318 -47.10 -8.72 -3.87
C CYS B 318 -48.35 -9.33 -3.24
N TRP B 319 -48.71 -8.80 -2.07
CA TRP B 319 -49.95 -9.14 -1.40
C TRP B 319 -50.68 -7.86 -1.00
N GLN B 320 -52.00 -7.94 -0.87
CA GLN B 320 -52.78 -6.79 -0.37
C GLN B 320 -52.20 -6.34 0.99
N ALA B 321 -52.17 -5.02 1.25
CA ALA B 321 -51.60 -4.46 2.46
C ALA B 321 -51.94 -5.25 3.72
N GLY B 322 -50.88 -5.64 4.44
CA GLY B 322 -51.03 -6.35 5.70
C GLY B 322 -51.30 -7.85 5.63
N THR B 323 -51.48 -8.38 4.41
CA THR B 323 -51.89 -9.77 4.26
C THR B 323 -50.77 -10.75 3.87
N THR B 324 -49.49 -10.32 3.94
CA THR B 324 -48.40 -11.23 3.60
C THR B 324 -48.56 -12.51 4.43
N PRO B 325 -48.59 -13.68 3.76
CA PRO B 325 -48.87 -14.94 4.47
C PRO B 325 -47.59 -15.52 5.05
N TRP B 326 -46.99 -14.80 6.01
CA TRP B 326 -45.72 -15.27 6.58
C TRP B 326 -45.77 -16.74 7.02
N ASN B 327 -46.92 -17.16 7.62
CA ASN B 327 -47.01 -18.51 8.22
C ASN B 327 -46.88 -19.64 7.19
N ILE B 328 -47.08 -19.36 5.88
CA ILE B 328 -46.94 -20.45 4.88
C ILE B 328 -45.45 -20.70 4.55
N PHE B 329 -44.59 -19.71 4.83
CA PHE B 329 -43.16 -19.82 4.55
C PHE B 329 -42.45 -20.44 5.78
N PRO B 330 -41.45 -21.28 5.49
CA PRO B 330 -40.75 -21.97 6.58
C PRO B 330 -39.66 -21.13 7.23
N VAL B 331 -39.28 -21.51 8.44
CA VAL B 331 -38.09 -20.92 9.05
C VAL B 331 -36.87 -21.72 8.51
N ILE B 332 -35.69 -21.10 8.54
CA ILE B 332 -34.46 -21.76 8.07
C ILE B 332 -33.49 -21.75 9.21
N SER B 333 -32.91 -22.91 9.53
CA SER B 333 -31.93 -22.98 10.61
C SER B 333 -30.58 -23.39 10.05
N LEU B 334 -29.53 -22.63 10.41
CA LEU B 334 -28.18 -22.98 10.01
C LEU B 334 -27.46 -23.35 11.31
N TYR B 335 -26.91 -24.56 11.39
CA TYR B 335 -26.17 -24.94 12.59
C TYR B 335 -24.71 -24.62 12.34
N LEU B 336 -24.06 -24.00 13.31
CA LEU B 336 -22.67 -23.59 13.17
C LEU B 336 -21.80 -24.34 14.16
N MET B 337 -20.54 -24.56 13.79
CA MET B 337 -19.61 -25.21 14.71
C MET B 337 -19.44 -24.38 15.99
N GLY B 338 -19.47 -25.02 17.14
CA GLY B 338 -19.28 -24.30 18.41
C GLY B 338 -17.83 -24.21 18.83
N GLU B 339 -17.58 -23.52 19.95
CA GLU B 339 -16.20 -23.37 20.46
C GLU B 339 -15.78 -24.61 21.25
N VAL B 340 -16.77 -25.35 21.81
CA VAL B 340 -16.54 -26.56 22.59
C VAL B 340 -16.49 -27.76 21.66
N THR B 341 -15.54 -28.67 21.92
CA THR B 341 -15.40 -29.90 21.12
C THR B 341 -16.75 -30.61 21.03
N ASN B 342 -17.11 -31.02 19.82
CA ASN B 342 -18.36 -31.74 19.51
C ASN B 342 -19.65 -30.98 19.85
N GLN B 343 -19.60 -29.64 19.94
CA GLN B 343 -20.84 -28.90 20.18
C GLN B 343 -21.12 -28.00 19.00
N SER B 344 -22.40 -27.85 18.68
CA SER B 344 -22.79 -26.85 17.69
C SER B 344 -23.94 -26.03 18.27
N PHE B 345 -24.34 -24.96 17.56
CA PHE B 345 -25.52 -24.20 17.96
C PHE B 345 -26.22 -23.85 16.68
N ARG B 346 -27.46 -23.34 16.77
CA ARG B 346 -28.14 -22.97 15.51
C ARG B 346 -28.64 -21.56 15.55
N ILE B 347 -28.72 -20.94 14.36
CA ILE B 347 -29.34 -19.63 14.20
C ILE B 347 -30.57 -19.90 13.32
N THR B 348 -31.71 -19.32 13.64
CA THR B 348 -32.93 -19.55 12.88
C THR B 348 -33.48 -18.25 12.40
N ILE B 349 -33.71 -18.16 11.10
CA ILE B 349 -34.27 -16.97 10.48
C ILE B 349 -35.65 -17.23 9.95
N LEU B 350 -36.42 -16.16 9.89
CA LEU B 350 -37.80 -16.22 9.43
C LEU B 350 -37.92 -15.75 7.98
N PRO B 351 -39.09 -15.95 7.36
CA PRO B 351 -39.31 -15.32 6.03
C PRO B 351 -39.25 -13.78 6.11
N GLN B 352 -39.49 -13.17 7.32
CA GLN B 352 -39.33 -11.71 7.45
C GLN B 352 -37.87 -11.31 7.16
N GLN B 353 -36.91 -12.26 7.28
CA GLN B 353 -35.51 -12.00 6.93
C GLN B 353 -35.25 -12.33 5.46
N TYR B 354 -35.68 -13.52 4.96
CA TYR B 354 -35.27 -13.90 3.60
C TYR B 354 -36.20 -13.45 2.50
N LEU B 355 -37.31 -12.74 2.85
CA LEU B 355 -38.15 -12.07 1.85
C LEU B 355 -37.82 -10.58 2.02
N ARG B 356 -37.14 -10.01 1.03
CA ARG B 356 -36.67 -8.62 1.12
C ARG B 356 -37.75 -7.66 0.65
N PRO B 357 -38.17 -6.70 1.49
CA PRO B 357 -39.20 -5.73 1.05
C PRO B 357 -38.72 -4.87 -0.09
N VAL B 358 -39.58 -4.72 -1.10
CA VAL B 358 -39.26 -3.86 -2.25
C VAL B 358 -40.48 -3.04 -2.61
N GLU B 359 -40.24 -1.95 -3.34
CA GLU B 359 -41.34 -1.11 -3.79
C GLU B 359 -41.97 -1.72 -5.03
N ASP B 360 -43.30 -1.63 -5.12
CA ASP B 360 -44.08 -2.12 -6.24
C ASP B 360 -43.74 -1.30 -7.49
N VAL B 361 -43.97 -1.89 -8.68
CA VAL B 361 -43.75 -1.24 -9.97
C VAL B 361 -44.71 -0.03 -10.17
N ALA B 362 -45.82 0.01 -9.39
CA ALA B 362 -46.84 1.06 -9.43
C ALA B 362 -46.89 1.93 -8.13
N THR B 363 -45.99 1.65 -7.15
CA THR B 363 -45.86 2.31 -5.84
C THR B 363 -47.22 2.30 -5.05
N SER B 364 -47.98 1.17 -5.19
CA SER B 364 -49.31 0.91 -4.62
C SER B 364 -49.28 0.73 -3.10
N GLN B 365 -50.40 0.27 -2.51
CA GLN B 365 -50.44 -0.02 -1.07
C GLN B 365 -50.10 -1.49 -0.79
N ASP B 366 -49.84 -2.29 -1.83
CA ASP B 366 -49.49 -3.70 -1.60
C ASP B 366 -48.18 -3.84 -0.87
N ASP B 367 -48.00 -4.98 -0.18
CA ASP B 367 -46.74 -5.30 0.49
C ASP B 367 -46.04 -6.28 -0.45
N CYS B 368 -44.84 -5.88 -0.95
CA CYS B 368 -44.13 -6.63 -1.99
C CYS B 368 -42.76 -7.03 -1.52
N TYR B 369 -42.25 -8.13 -2.08
CA TYR B 369 -40.95 -8.66 -1.69
C TYR B 369 -40.27 -9.36 -2.82
N LYS B 370 -38.94 -9.50 -2.68
CA LYS B 370 -38.15 -10.37 -3.55
C LYS B 370 -37.54 -11.47 -2.65
N PHE B 371 -37.35 -12.64 -3.24
CA PHE B 371 -36.74 -13.78 -2.56
C PHE B 371 -35.24 -13.52 -2.46
N ALA B 372 -34.71 -13.42 -1.23
CA ALA B 372 -33.32 -13.01 -1.01
C ALA B 372 -32.37 -14.15 -0.70
N ILE B 373 -32.63 -15.30 -1.34
CA ILE B 373 -31.75 -16.49 -1.30
C ILE B 373 -31.40 -16.76 -2.74
N SER B 374 -30.10 -16.86 -3.03
CA SER B 374 -29.70 -17.04 -4.43
C SER B 374 -28.51 -17.96 -4.55
N GLN B 375 -28.18 -18.36 -5.77
CA GLN B 375 -27.12 -19.32 -6.03
C GLN B 375 -25.73 -18.70 -6.03
N SER B 376 -24.76 -19.48 -5.58
CA SER B 376 -23.36 -19.06 -5.56
C SER B 376 -22.48 -20.15 -6.20
N SER B 377 -21.32 -19.71 -6.78
CA SER B 377 -20.31 -20.62 -7.31
C SER B 377 -19.04 -20.41 -6.45
N THR B 378 -19.15 -19.63 -5.36
CA THR B 378 -18.01 -19.29 -4.50
C THR B 378 -18.29 -19.55 -3.03
N GLY B 379 -19.20 -20.48 -2.76
CA GLY B 379 -19.50 -20.86 -1.39
C GLY B 379 -20.70 -20.16 -0.79
N THR B 380 -20.98 -20.50 0.45
CA THR B 380 -22.09 -19.86 1.15
C THR B 380 -21.73 -18.44 1.55
N VAL B 381 -22.70 -17.53 1.40
CA VAL B 381 -22.47 -16.16 1.85
C VAL B 381 -23.62 -15.84 2.80
N MET B 382 -23.32 -15.60 4.07
CA MET B 382 -24.37 -15.19 5.01
C MET B 382 -24.42 -13.67 4.89
N GLY B 383 -25.27 -13.16 3.99
CA GLY B 383 -25.35 -11.74 3.68
C GLY B 383 -26.23 -10.92 4.61
N ALA B 384 -26.48 -9.66 4.23
CA ALA B 384 -27.19 -8.70 5.05
C ALA B 384 -28.56 -9.22 5.48
N VAL B 385 -29.31 -9.91 4.58
CA VAL B 385 -30.68 -10.35 4.96
C VAL B 385 -30.63 -11.31 6.15
N ILE B 386 -29.56 -12.14 6.28
CA ILE B 386 -29.46 -13.03 7.42
CA ILE B 386 -29.32 -13.06 7.40
C ILE B 386 -28.89 -12.26 8.61
N MET B 387 -27.92 -11.35 8.39
CA MET B 387 -27.38 -10.55 9.48
C MET B 387 -28.44 -9.67 10.14
N GLU B 388 -29.50 -9.25 9.39
CA GLU B 388 -30.57 -8.45 9.97
C GLU B 388 -31.32 -9.19 11.09
N GLY B 389 -31.18 -10.50 11.18
CA GLY B 389 -31.87 -11.21 12.27
C GLY B 389 -31.08 -11.19 13.57
N PHE B 390 -29.77 -10.83 13.48
CA PHE B 390 -28.88 -11.05 14.61
C PHE B 390 -27.95 -9.89 14.89
N TYR B 391 -27.46 -9.87 16.10
CA TYR B 391 -26.35 -9.01 16.50
C TYR B 391 -25.14 -9.91 16.26
N VAL B 392 -24.17 -9.43 15.45
CA VAL B 392 -23.03 -10.27 15.08
C VAL B 392 -21.76 -9.63 15.61
N VAL B 393 -20.99 -10.42 16.35
CA VAL B 393 -19.79 -9.92 16.98
C VAL B 393 -18.59 -10.49 16.26
N PHE B 394 -17.76 -9.64 15.66
CA PHE B 394 -16.55 -10.05 14.94
C PHE B 394 -15.39 -9.95 15.92
N ASP B 395 -15.22 -11.03 16.70
CA ASP B 395 -14.21 -11.05 17.76
C ASP B 395 -12.88 -11.50 17.19
N ARG B 396 -12.21 -10.56 16.55
CA ARG B 396 -10.94 -10.88 15.90
C ARG B 396 -9.87 -11.33 16.90
N ALA B 397 -9.88 -10.74 18.10
CA ALA B 397 -8.90 -11.04 19.16
C ALA B 397 -8.95 -12.52 19.58
N ARG B 398 -10.16 -13.09 19.65
CA ARG B 398 -10.37 -14.48 20.06
C ARG B 398 -10.70 -15.37 18.86
N LYS B 399 -10.54 -14.86 17.61
CA LYS B 399 -10.72 -15.62 16.36
C LYS B 399 -12.10 -16.35 16.39
N ARG B 400 -13.15 -15.58 16.65
CA ARG B 400 -14.49 -16.17 16.71
C ARG B 400 -15.56 -15.14 16.31
N ILE B 401 -16.74 -15.64 15.88
CA ILE B 401 -17.86 -14.79 15.54
CA ILE B 401 -17.89 -14.83 15.50
C ILE B 401 -19.04 -15.18 16.43
N GLY B 402 -19.61 -14.17 17.09
CA GLY B 402 -20.74 -14.36 17.98
C GLY B 402 -22.04 -13.96 17.33
N PHE B 403 -23.11 -14.72 17.64
CA PHE B 403 -24.46 -14.45 17.17
C PHE B 403 -25.40 -14.39 18.35
N ALA B 404 -26.27 -13.39 18.35
CA ALA B 404 -27.36 -13.30 19.34
C ALA B 404 -28.59 -12.76 18.59
N VAL B 405 -29.78 -13.06 19.11
CA VAL B 405 -30.98 -12.49 18.47
C VAL B 405 -30.94 -10.95 18.53
N SER B 406 -31.17 -10.30 17.39
CA SER B 406 -31.14 -8.84 17.36
C SER B 406 -32.36 -8.24 18.03
N ALA B 407 -32.13 -7.16 18.76
CA ALA B 407 -33.24 -6.39 19.36
C ALA B 407 -34.06 -5.66 18.28
N CYS B 408 -33.57 -5.60 17.02
CA CYS B 408 -34.30 -4.90 15.96
C CYS B 408 -34.78 -5.86 14.85
N HIS B 409 -34.75 -7.21 15.07
CA HIS B 409 -35.19 -8.07 13.97
C HIS B 409 -36.68 -8.01 13.74
N VAL B 410 -37.09 -8.17 12.48
CA VAL B 410 -38.50 -8.15 12.10
C VAL B 410 -39.11 -9.53 12.36
N HIS B 411 -40.29 -9.58 12.99
CA HIS B 411 -40.92 -10.86 13.28
C HIS B 411 -42.44 -10.67 13.35
N ASP B 412 -43.15 -11.71 13.75
CA ASP B 412 -44.60 -11.57 13.89
C ASP B 412 -44.99 -12.06 15.29
N GLU B 413 -46.30 -12.09 15.59
CA GLU B 413 -46.72 -12.49 16.93
CA GLU B 413 -46.76 -12.49 16.94
C GLU B 413 -46.52 -13.98 17.23
N PHE B 414 -46.26 -14.80 16.19
CA PHE B 414 -46.17 -16.24 16.41
C PHE B 414 -44.79 -16.84 16.40
N ARG B 415 -43.84 -16.17 15.74
CA ARG B 415 -42.48 -16.73 15.60
C ARG B 415 -41.45 -15.59 15.71
N THR B 416 -40.26 -15.91 16.23
CA THR B 416 -39.14 -14.96 16.27
C THR B 416 -37.88 -15.64 15.76
N ALA B 417 -36.88 -14.82 15.37
CA ALA B 417 -35.58 -15.42 15.04
C ALA B 417 -35.02 -16.03 16.34
N ALA B 418 -34.06 -16.92 16.23
CA ALA B 418 -33.53 -17.57 17.44
C ALA B 418 -32.05 -17.92 17.30
N VAL B 419 -31.38 -18.01 18.46
CA VAL B 419 -29.99 -18.51 18.51
C VAL B 419 -30.03 -19.49 19.68
N GLU B 420 -29.80 -20.78 19.43
CA GLU B 420 -30.01 -21.82 20.45
C GLU B 420 -28.93 -22.86 20.42
N GLY B 421 -28.72 -23.49 21.58
CA GLY B 421 -27.75 -24.56 21.67
C GLY B 421 -27.66 -25.06 23.11
N PRO B 422 -26.75 -26.00 23.38
CA PRO B 422 -25.86 -26.68 22.42
C PRO B 422 -26.47 -27.94 21.83
N PHE B 423 -25.89 -28.45 20.74
CA PHE B 423 -26.26 -29.72 20.13
C PHE B 423 -24.99 -30.54 20.05
N VAL B 424 -25.09 -31.86 20.28
CA VAL B 424 -23.93 -32.72 20.13
C VAL B 424 -23.79 -33.01 18.63
N THR B 425 -22.63 -32.61 18.05
CA THR B 425 -22.37 -32.80 16.62
C THR B 425 -20.95 -33.33 16.47
N LEU B 426 -20.79 -34.47 15.83
CA LEU B 426 -19.46 -35.09 15.68
C LEU B 426 -18.79 -34.74 14.38
N ASP B 427 -17.43 -34.84 14.36
CA ASP B 427 -16.55 -34.64 13.19
C ASP B 427 -16.88 -33.36 12.43
N MET B 428 -17.00 -32.25 13.15
CA MET B 428 -17.39 -30.98 12.53
C MET B 428 -16.29 -30.41 11.65
N GLU B 429 -15.02 -30.75 11.93
CA GLU B 429 -13.89 -30.29 11.12
C GLU B 429 -13.98 -30.82 9.69
N ASP B 430 -14.61 -32.02 9.53
CA ASP B 430 -14.84 -32.70 8.26
C ASP B 430 -15.82 -31.96 7.35
N CYS B 431 -16.58 -31.01 7.92
CA CYS B 431 -17.54 -30.21 7.17
C CYS B 431 -16.80 -29.14 6.38
N GLY B 432 -15.56 -28.86 6.75
CA GLY B 432 -14.72 -27.87 6.10
C GLY B 432 -14.18 -28.39 4.80
N TYR B 433 -14.19 -27.53 3.78
CA TYR B 433 -13.68 -27.88 2.47
C TYR B 433 -12.20 -27.57 2.42
N ASN B 434 -11.44 -28.46 1.76
CA ASN B 434 -9.99 -28.35 1.61
C ASN B 434 -9.63 -28.33 0.13
C6 DJS C . 26.81 8.59 3.76
N1 DJS C . 28.80 5.62 0.98
C5 DJS C . 28.02 8.04 3.34
C4 DJS C . 27.91 6.74 2.84
C2 DJS C . 29.09 6.06 2.26
O3 DJS C . 30.18 6.01 2.80
N7 DJS C . 25.58 8.03 3.67
C8 DJS C . 25.51 6.79 3.16
C9 DJS C . 26.67 6.12 2.78
N10 DJS C . 24.22 6.27 3.07
C11 DJS C . 24.03 4.97 2.39
C13 DJS C . 23.90 3.92 3.48
C14 DJS C . 22.69 5.00 1.67
C15 DJS C . 22.68 5.81 0.41
S16 DJS C . 26.63 10.24 4.40
O17 DJS C . 25.65 10.98 3.60
O18 DJS C . 26.24 10.04 5.80
C19 DJS C . 28.21 10.88 4.42
C20 DJS C . 29.69 4.75 0.23
C22 DJS C . 30.12 5.42 -1.08
O24 DJS C . 30.94 4.55 -1.86
C25 DJS C . 30.89 6.73 -0.88
C27 DJS C . 32.16 6.58 -0.07
C28 DJS C . 33.04 7.68 -0.57
C29 DJS C . 32.57 7.99 -1.98
N30 DJS C . 31.31 7.27 -2.18
C31 DJS C . 29.00 3.40 -0.03
C32 DJS C . 28.31 2.80 1.17
C33 DJS C . 27.00 2.36 1.04
C34 DJS C . 26.34 1.78 2.10
C35 DJS C . 26.97 1.65 3.33
C36 DJS C . 28.28 2.10 3.46
C37 DJS C . 28.95 2.67 2.39
C1 GOL D . 36.78 -24.07 -12.69
O1 GOL D . 36.29 -24.75 -11.54
C2 GOL D . 35.98 -22.84 -13.01
O2 GOL D . 36.43 -22.30 -14.25
C3 GOL D . 34.47 -23.01 -13.01
O3 GOL D . 33.79 -22.16 -13.93
H11 GOL D . 37.82 -23.80 -12.53
H12 GOL D . 36.78 -24.75 -13.54
HO1 GOL D . 36.38 -25.72 -11.75
H2 GOL D . 36.26 -22.04 -12.31
HO2 GOL D . 36.32 -22.98 -14.96
H31 GOL D . 34.23 -24.05 -13.23
H32 GOL D . 34.10 -22.83 -12.00
HO3 GOL D . 34.15 -21.25 -13.77
C1 GOL E . 23.48 -18.44 -13.54
O1 GOL E . 22.78 -19.08 -14.59
C2 GOL E . 23.48 -16.95 -13.76
O2 GOL E . 22.14 -16.45 -13.71
C3 GOL E . 24.34 -16.25 -12.74
O3 GOL E . 23.77 -16.30 -11.45
H11 GOL E . 23.02 -18.70 -12.58
H12 GOL E . 24.50 -18.82 -13.49
HO1 GOL E . 23.38 -19.05 -15.38
H2 GOL E . 23.76 -16.70 -14.78
HO2 GOL E . 21.86 -16.39 -12.75
H31 GOL E . 25.33 -16.70 -12.71
H32 GOL E . 24.49 -15.21 -13.04
HO3 GOL E . 23.71 -15.36 -11.16
C6 DJS F . -24.63 -8.94 -3.79
N1 DJS F . -20.58 -7.41 -2.48
C5 DJS F . -23.26 -9.01 -3.97
C4 DJS F . -22.58 -7.86 -3.62
C2 DJS F . -21.10 -7.82 -3.66
O3 DJS F . -20.41 -8.21 -4.60
N7 DJS F . -25.34 -7.93 -3.28
C8 DJS F . -24.67 -6.83 -2.92
C9 DJS F . -23.28 -6.78 -3.10
N10 DJS F . -25.45 -5.81 -2.34
C11 DJS F . -24.76 -4.65 -1.79
C13 DJS F . -24.93 -3.56 -2.83
C14 DJS F . -25.51 -4.16 -0.54
C15 DJS F . -25.31 -5.01 0.68
S16 DJS F . -25.73 -10.31 -4.16
O17 DJS F . -26.47 -10.64 -2.94
O18 DJS F . -26.61 -9.88 -5.26
C19 DJS F . -24.74 -11.55 -4.80
C20 DJS F . -19.19 -7.03 -2.29
C22 DJS F . -18.54 -7.94 -1.23
O24 DJS F . -17.17 -7.61 -0.96
C25 DJS F . -18.62 -9.45 -1.52
C27 DJS F . -17.90 -9.77 -2.81
C28 DJS F . -17.34 -11.15 -2.59
C29 DJS F . -17.36 -11.39 -1.10
N30 DJS F . -17.92 -10.20 -0.46
C31 DJS F . -19.07 -5.56 -1.90
C32 DJS F . -19.89 -4.62 -2.76
C33 DJS F . -20.69 -3.68 -2.10
C34 DJS F . -21.42 -2.77 -2.86
C35 DJS F . -21.39 -2.85 -4.25
C36 DJS F . -20.60 -3.78 -4.89
C37 DJS F . -19.85 -4.67 -4.14
C1 GOL G . 1.63 14.51 4.24
O1 GOL G . 1.32 14.41 5.63
C2 GOL G . 3.13 14.49 4.04
O2 GOL G . 3.67 13.30 4.61
C3 GOL G . 3.50 14.57 2.58
O3 GOL G . 3.43 15.90 2.12
H11 GOL G . 1.16 13.70 3.68
H12 GOL G . 1.23 15.43 3.82
HO1 GOL G . 0.42 14.02 5.68
H2 GOL G . 3.63 15.26 4.63
HO2 GOL G . 3.97 12.68 3.90
H31 GOL G . 4.50 14.18 2.40
H32 GOL G . 2.83 13.94 1.99
HO3 GOL G . 4.15 16.40 2.60
C1 GOL H . -8.60 15.20 9.97
O1 GOL H . -8.30 16.02 11.11
C2 GOL H . -9.17 13.87 10.41
O2 GOL H . -10.42 14.06 11.08
C3 GOL H . -9.34 12.94 9.25
O3 GOL H . -10.19 13.45 8.24
H11 GOL H . -9.29 15.73 9.32
H12 GOL H . -7.69 15.05 9.39
HO1 GOL H . -7.42 16.42 10.93
H2 GOL H . -8.57 13.43 11.20
HO2 GOL H . -10.95 14.77 10.62
H31 GOL H . -8.36 12.72 8.80
H32 GOL H . -9.73 11.98 9.59
HO3 GOL H . -11.08 13.56 8.69
#